data_6V8C
#
_entry.id   6V8C
#
_cell.length_a   193.782
_cell.length_b   193.782
_cell.length_c   57.200
_cell.angle_alpha   90.000
_cell.angle_beta   90.000
_cell.angle_gamma   120.000
#
_symmetry.space_group_name_H-M   'P 31 1 2'
#
loop_
_entity.id
_entity.type
_entity.pdbx_description
1 polymer 'Ornithine aminotransferase, mitochondrial'
2 non-polymer "PYRIDOXAL-5'-PHOSPHATE"
3 non-polymer '3-aminocyclohexa-1,3-diene-1-carboxylic acid'
4 water water
#
_entity_poly.entity_id   1
_entity_poly.type   'polypeptide(L)'
_entity_poly.pdbx_seq_one_letter_code
;GPPTSDDIFEREYKYGAHNYHPLPVALERGKGIYLWDVEGRKYFDFLSSYSAVNQGHCHPKIVNALKSQVDKLTLTSRAF
YNNVLGEYEEYITKLFNYHKVLPMNTGVEAGETACKLARKWGYTVKGIQKYKAKIVFAAGNFWGRTLSAISSSTDPTSYD
GFGPFMPGFDIIPYNDLPALERALQDPNVAAFMVEPIQGEAGVVVPDPGYLMGVRELCTRHQVLFIADEIQTGLARTGRW
LAVDYENVRPDIVLLGKALSGGLYPVSAVLCDDDIMLTIKPGEHGSTYGGNPLGCRVAIAALEVLEEENLAENADKLGII
LRNELMKLPSDVVTAVRGKGLLNAIVIKETKDWDAWKVCLRLRDNGLLAKPTHGDIIRFAPPLVIKEDELRESIEIINKT
ILSF
;
_entity_poly.pdbx_strand_id   A,B,C
#
loop_
_chem_comp.id
_chem_comp.type
_chem_comp.name
_chem_comp.formula
PLP non-polymer PYRIDOXAL-5'-PHOSPHATE 'C8 H10 N O6 P'
QRM non-polymer '3-aminocyclohexa-1,3-diene-1-carboxylic acid' 'C7 H9 N O2'
#
# COMPACT_ATOMS: atom_id res chain seq x y z
N GLY A 1 9.38 -17.09 -38.08
CA GLY A 1 9.06 -16.36 -36.88
C GLY A 1 8.88 -14.87 -37.11
N PRO A 2 8.53 -14.14 -36.06
CA PRO A 2 8.32 -12.70 -36.18
C PRO A 2 9.66 -11.98 -36.24
N PRO A 3 9.66 -10.69 -36.60
CA PRO A 3 10.92 -9.94 -36.58
C PRO A 3 11.36 -9.57 -35.17
N THR A 4 12.66 -9.69 -34.93
CA THR A 4 13.24 -9.26 -33.68
C THR A 4 13.43 -7.75 -33.68
N SER A 5 13.80 -7.21 -32.51
CA SER A 5 14.02 -5.77 -32.42
C SER A 5 15.11 -5.31 -33.38
N ASP A 6 16.17 -6.09 -33.53
CA ASP A 6 17.27 -5.71 -34.42
C ASP A 6 16.86 -5.78 -35.88
N ASP A 7 16.07 -6.80 -36.25
CA ASP A 7 15.50 -6.83 -37.59
C ASP A 7 14.69 -5.56 -37.86
N ILE A 8 13.93 -5.11 -36.86
CA ILE A 8 13.08 -3.93 -37.05
C ILE A 8 13.93 -2.69 -37.25
N PHE A 9 14.99 -2.53 -36.45
CA PHE A 9 15.91 -1.41 -36.68
C PHE A 9 16.53 -1.49 -38.06
N GLU A 10 17.00 -2.68 -38.44
CA GLU A 10 17.69 -2.85 -39.71
C GLU A 10 16.79 -2.49 -40.88
N ARG A 11 15.50 -2.87 -40.81
CA ARG A 11 14.62 -2.65 -41.95
C ARG A 11 14.33 -1.16 -42.17
N GLU A 12 14.10 -0.41 -41.09
CA GLU A 12 13.87 1.03 -41.22
C GLU A 12 15.08 1.74 -41.79
N TYR A 13 16.28 1.33 -41.37
CA TYR A 13 17.50 1.94 -41.88
C TYR A 13 17.61 1.76 -43.39
N LYS A 14 17.13 0.63 -43.91
CA LYS A 14 17.24 0.35 -45.34
C LYS A 14 16.19 1.10 -46.16
N TYR A 15 14.96 1.21 -45.65
CA TYR A 15 13.84 1.67 -46.46
C TYR A 15 13.22 2.99 -46.03
N GLY A 16 13.56 3.49 -44.85
CA GLY A 16 13.01 4.75 -44.36
C GLY A 16 14.09 5.81 -44.25
N ALA A 17 13.68 7.06 -44.40
CA ALA A 17 14.60 8.19 -44.26
C ALA A 17 15.29 8.15 -42.89
N HIS A 18 16.47 8.76 -42.83
CA HIS A 18 17.28 8.79 -41.62
C HIS A 18 17.10 10.09 -40.86
N ASN A 19 15.85 10.54 -40.67
CA ASN A 19 15.62 11.82 -40.03
C ASN A 19 15.47 11.73 -38.51
N TYR A 20 15.46 10.52 -37.94
CA TYR A 20 15.45 10.32 -36.50
C TYR A 20 16.56 9.37 -36.08
N HIS A 21 16.95 9.45 -34.80
CA HIS A 21 17.77 8.44 -34.13
C HIS A 21 17.01 7.99 -32.88
N PRO A 22 16.07 7.07 -33.02
CA PRO A 22 15.28 6.65 -31.86
C PRO A 22 16.10 5.84 -30.88
N LEU A 23 15.58 5.74 -29.67
CA LEU A 23 16.16 4.83 -28.70
C LEU A 23 16.01 3.41 -29.19
N PRO A 24 17.00 2.56 -29.01
CA PRO A 24 16.92 1.18 -29.48
C PRO A 24 15.87 0.34 -28.76
N VAL A 25 14.59 0.52 -29.09
CA VAL A 25 13.52 -0.34 -28.60
C VAL A 25 12.42 -0.39 -29.66
N ALA A 26 11.83 -1.57 -29.85
CA ALA A 26 10.88 -1.82 -30.94
C ALA A 26 9.54 -2.26 -30.35
N LEU A 27 8.59 -1.31 -30.25
CA LEU A 27 7.33 -1.56 -29.58
C LEU A 27 6.28 -2.11 -30.55
N GLU A 28 5.43 -3.01 -30.03
CA GLU A 28 4.32 -3.52 -30.81
C GLU A 28 2.98 -3.49 -30.08
N ARG A 29 2.95 -3.16 -28.79
CA ARG A 29 1.70 -3.10 -28.06
C ARG A 29 1.75 -1.99 -27.01
N GLY A 30 0.60 -1.34 -26.81
CA GLY A 30 0.48 -0.36 -25.76
C GLY A 30 -0.89 -0.42 -25.11
N LYS A 31 -0.94 -0.21 -23.80
CA LYS A 31 -2.21 -0.17 -23.09
C LYS A 31 -2.01 0.61 -21.81
N GLY A 32 -2.71 1.74 -21.68
CA GLY A 32 -2.56 2.55 -20.49
C GLY A 32 -1.15 3.09 -20.39
N ILE A 33 -0.50 2.83 -19.25
CA ILE A 33 0.84 3.35 -18.99
C ILE A 33 1.94 2.47 -19.54
N TYR A 34 1.61 1.34 -20.15
CA TYR A 34 2.59 0.32 -20.48
C TYR A 34 2.78 0.17 -21.98
N LEU A 35 4.01 -0.17 -22.36
CA LEU A 35 4.36 -0.56 -23.72
C LEU A 35 5.05 -1.92 -23.67
N TRP A 36 4.90 -2.70 -24.75
CA TRP A 36 5.56 -3.99 -24.86
C TRP A 36 6.34 -4.04 -26.17
N ASP A 37 7.58 -4.53 -26.12
CA ASP A 37 8.36 -4.66 -27.34
C ASP A 37 8.09 -6.02 -27.99
N VAL A 38 8.73 -6.26 -29.14
CA VAL A 38 8.46 -7.49 -29.88
C VAL A 38 9.04 -8.72 -29.20
N GLU A 39 9.93 -8.53 -28.23
CA GLU A 39 10.40 -9.65 -27.42
C GLU A 39 9.47 -9.97 -26.26
N GLY A 40 8.41 -9.17 -26.06
CA GLY A 40 7.48 -9.37 -24.98
C GLY A 40 7.79 -8.63 -23.70
N ARG A 41 8.86 -7.83 -23.67
CA ARG A 41 9.23 -7.11 -22.45
C ARG A 41 8.31 -5.93 -22.23
N LYS A 42 7.99 -5.66 -20.96
CA LYS A 42 7.06 -4.62 -20.56
C LYS A 42 7.82 -3.40 -20.04
N TYR A 43 7.37 -2.21 -20.45
CA TYR A 43 8.00 -0.97 -20.04
C TYR A 43 6.96 0.03 -19.55
N PHE A 44 7.36 0.83 -18.55
CA PHE A 44 6.64 2.08 -18.28
C PHE A 44 6.93 3.08 -19.39
N ASP A 45 5.88 3.66 -19.96
CA ASP A 45 6.04 4.75 -20.93
C ASP A 45 6.13 6.06 -20.16
N PHE A 46 7.33 6.63 -20.08
CA PHE A 46 7.53 7.90 -19.41
C PHE A 46 7.79 9.04 -20.39
N LEU A 47 7.28 8.89 -21.61
CA LEU A 47 7.24 9.95 -22.60
C LEU A 47 5.83 10.26 -23.06
N SER A 48 4.95 9.26 -23.13
CA SER A 48 3.56 9.45 -23.57
C SER A 48 3.51 10.08 -24.94
N SER A 49 4.43 9.68 -25.81
CA SER A 49 4.57 10.27 -27.14
C SER A 49 4.61 11.79 -27.01
N TYR A 50 5.43 12.26 -26.07
CA TYR A 50 5.59 13.68 -25.76
C TYR A 50 4.23 14.33 -25.51
N SER A 51 3.40 13.64 -24.73
CA SER A 51 2.11 14.08 -24.22
C SER A 51 1.01 14.00 -25.26
N ALA A 52 1.08 13.01 -26.16
CA ALA A 52 -0.03 12.72 -27.06
C ALA A 52 -0.92 11.58 -26.56
N VAL A 53 -0.44 10.74 -25.64
CA VAL A 53 -1.30 9.74 -25.03
C VAL A 53 -1.47 10.06 -23.55
N ASN A 54 -1.89 11.29 -23.25
CA ASN A 54 -2.25 11.67 -21.89
C ASN A 54 -3.25 10.68 -21.30
N GLN A 55 -4.20 10.23 -22.10
CA GLN A 55 -5.25 9.33 -21.66
C GLN A 55 -4.78 7.87 -21.55
N GLY A 56 -3.49 7.61 -21.75
CA GLY A 56 -2.98 6.26 -21.81
C GLY A 56 -3.13 5.68 -23.20
N HIS A 57 -2.31 4.67 -23.48
CA HIS A 57 -2.35 4.03 -24.79
C HIS A 57 -3.66 3.26 -24.94
N CYS A 58 -4.29 3.43 -26.10
CA CYS A 58 -5.44 2.62 -26.52
C CYS A 58 -6.57 2.66 -25.50
N HIS A 59 -6.93 3.87 -25.09
CA HIS A 59 -7.99 4.02 -24.11
C HIS A 59 -9.31 3.49 -24.69
N PRO A 60 -10.00 2.59 -23.98
CA PRO A 60 -11.14 1.90 -24.59
C PRO A 60 -12.26 2.83 -25.05
N LYS A 61 -12.47 3.96 -24.38
CA LYS A 61 -13.56 4.84 -24.81
C LYS A 61 -13.20 5.58 -26.10
N ILE A 62 -11.93 5.94 -26.27
CA ILE A 62 -11.51 6.57 -27.51
C ILE A 62 -11.48 5.54 -28.63
N VAL A 63 -11.01 4.33 -28.33
CA VAL A 63 -11.04 3.25 -29.30
C VAL A 63 -12.47 2.96 -29.74
N ASN A 64 -13.42 2.95 -28.80
CA ASN A 64 -14.81 2.69 -29.15
C ASN A 64 -15.37 3.76 -30.08
N ALA A 65 -14.99 5.02 -29.85
CA ALA A 65 -15.47 6.10 -30.73
C ALA A 65 -14.93 5.94 -32.14
N LEU A 66 -13.67 5.54 -32.27
CA LEU A 66 -13.09 5.35 -33.60
C LEU A 66 -13.76 4.18 -34.32
N LYS A 67 -13.93 3.05 -33.62
CA LYS A 67 -14.54 1.89 -34.27
C LYS A 67 -15.99 2.17 -34.67
N SER A 68 -16.71 2.95 -33.87
CA SER A 68 -18.12 3.22 -34.18
C SER A 68 -18.25 4.13 -35.40
N GLN A 69 -17.42 5.17 -35.47
CA GLN A 69 -17.54 6.13 -36.57
C GLN A 69 -16.99 5.58 -37.87
N VAL A 70 -15.97 4.71 -37.80
CA VAL A 70 -15.35 4.23 -39.02
C VAL A 70 -16.30 3.37 -39.84
N ASP A 71 -17.35 2.81 -39.23
CA ASP A 71 -18.37 2.09 -39.97
C ASP A 71 -19.39 3.00 -40.63
N LYS A 72 -19.39 4.30 -40.31
CA LYS A 72 -20.37 5.24 -40.83
C LYS A 72 -19.83 6.12 -41.94
N LEU A 73 -18.78 6.89 -41.64
CA LEU A 73 -18.26 7.90 -42.54
C LEU A 73 -16.92 8.39 -42.02
N THR A 74 -15.91 8.50 -42.88
CA THR A 74 -14.60 8.96 -42.40
C THR A 74 -14.13 10.26 -43.05
N LEU A 75 -14.55 10.54 -44.29
CA LEU A 75 -14.05 11.76 -44.94
C LEU A 75 -14.97 12.12 -46.10
N THR A 76 -15.49 13.35 -46.09
CA THR A 76 -16.20 13.89 -47.24
C THR A 76 -15.42 14.97 -47.96
N SER A 77 -14.33 15.46 -47.36
CA SER A 77 -13.70 16.74 -47.67
C SER A 77 -14.63 17.87 -47.23
N ARG A 78 -14.08 19.07 -47.04
CA ARG A 78 -14.89 20.21 -46.67
C ARG A 78 -15.63 20.80 -47.86
N ALA A 79 -15.61 20.13 -49.01
CA ALA A 79 -16.54 20.41 -50.06
C ALA A 79 -17.98 20.20 -49.58
N PHE A 80 -18.22 19.31 -48.64
CA PHE A 80 -19.55 19.13 -48.10
C PHE A 80 -19.48 19.24 -46.59
N TYR A 81 -20.68 19.26 -45.99
CA TYR A 81 -20.82 19.21 -44.54
C TYR A 81 -20.89 17.75 -44.13
N ASN A 82 -20.26 17.41 -43.02
CA ASN A 82 -20.55 16.16 -42.34
C ASN A 82 -21.26 16.50 -41.04
N ASN A 83 -21.93 15.49 -40.48
CA ASN A 83 -22.81 15.74 -39.34
C ASN A 83 -22.06 15.82 -38.02
N VAL A 84 -20.77 15.51 -38.00
CA VAL A 84 -20.06 15.41 -36.73
C VAL A 84 -19.34 16.72 -36.38
N LEU A 85 -18.79 17.39 -37.39
CA LEU A 85 -17.89 18.53 -37.15
C LEU A 85 -18.52 19.56 -36.22
N GLY A 86 -19.74 20.01 -36.53
CA GLY A 86 -20.39 21.01 -35.72
C GLY A 86 -20.65 20.58 -34.28
N GLU A 87 -20.95 19.30 -34.07
CA GLU A 87 -21.10 18.79 -32.71
C GLU A 87 -19.79 18.87 -31.94
N TYR A 88 -18.67 18.59 -32.61
CA TYR A 88 -17.37 18.74 -31.98
C TYR A 88 -17.01 20.21 -31.80
N GLU A 89 -17.30 21.05 -32.80
CA GLU A 89 -16.98 22.47 -32.66
C GLU A 89 -17.73 23.08 -31.49
N GLU A 90 -19.03 22.80 -31.37
CA GLU A 90 -19.78 23.29 -30.23
C GLU A 90 -19.19 22.80 -28.92
N TYR A 91 -18.85 21.51 -28.85
CA TYR A 91 -18.32 20.93 -27.62
C TYR A 91 -17.00 21.60 -27.22
N ILE A 92 -16.05 21.69 -28.16
CA ILE A 92 -14.73 22.17 -27.78
C ILE A 92 -14.73 23.68 -27.51
N THR A 93 -15.53 24.45 -28.24
CA THR A 93 -15.55 25.89 -27.99
C THR A 93 -16.19 26.21 -26.65
N LYS A 94 -17.26 25.48 -26.27
CA LYS A 94 -17.82 25.68 -24.93
C LYS A 94 -16.80 25.32 -23.85
N LEU A 95 -16.07 24.21 -24.04
CA LEU A 95 -15.20 23.69 -23.00
C LEU A 95 -14.10 24.70 -22.64
N PHE A 96 -13.48 25.31 -23.64
CA PHE A 96 -12.40 26.27 -23.39
C PHE A 96 -12.85 27.72 -23.40
N ASN A 97 -14.12 27.99 -23.74
CA ASN A 97 -14.71 29.33 -23.66
C ASN A 97 -14.10 30.28 -24.68
N TYR A 98 -13.98 29.80 -25.93
CA TYR A 98 -13.74 30.66 -27.07
C TYR A 98 -14.90 30.53 -28.04
N HIS A 99 -15.07 31.54 -28.88
CA HIS A 99 -16.26 31.56 -29.71
C HIS A 99 -16.19 30.59 -30.88
N LYS A 100 -15.00 30.38 -31.45
CA LYS A 100 -14.89 29.55 -32.64
C LYS A 100 -13.62 28.70 -32.59
N VAL A 101 -13.65 27.60 -33.34
CA VAL A 101 -12.50 26.73 -33.52
C VAL A 101 -12.26 26.53 -35.02
N LEU A 102 -10.99 26.48 -35.43
CA LEU A 102 -10.63 26.08 -36.78
C LEU A 102 -9.93 24.73 -36.73
N PRO A 103 -10.48 23.68 -37.32
CA PRO A 103 -9.89 22.34 -37.16
C PRO A 103 -8.79 22.09 -38.19
N MET A 104 -7.70 21.50 -37.71
CA MET A 104 -6.61 21.05 -38.56
C MET A 104 -6.17 19.68 -38.06
N ASN A 105 -5.03 19.19 -38.56
CA ASN A 105 -4.62 17.82 -38.28
C ASN A 105 -3.39 17.72 -37.40
N THR A 106 -2.30 18.42 -37.75
CA THR A 106 -1.06 18.32 -36.99
C THR A 106 -0.81 19.59 -36.20
N GLY A 107 0.08 19.48 -35.22
CA GLY A 107 0.42 20.64 -34.40
C GLY A 107 0.97 21.78 -35.22
N VAL A 108 1.89 21.48 -36.14
CA VAL A 108 2.48 22.56 -36.92
C VAL A 108 1.43 23.24 -37.80
N GLU A 109 0.44 22.48 -38.29
CA GLU A 109 -0.62 23.08 -39.08
C GLU A 109 -1.43 24.09 -38.26
N ALA A 110 -1.68 23.76 -36.99
CA ALA A 110 -2.34 24.72 -36.11
C ALA A 110 -1.47 25.95 -35.92
N GLY A 111 -0.16 25.76 -35.76
CA GLY A 111 0.73 26.90 -35.67
C GLY A 111 0.73 27.76 -36.92
N GLU A 112 0.76 27.12 -38.09
CA GLU A 112 0.72 27.88 -39.33
C GLU A 112 -0.59 28.65 -39.44
N THR A 113 -1.71 27.99 -39.13
CA THR A 113 -3.00 28.68 -39.12
C THR A 113 -2.97 29.89 -38.20
N ALA A 114 -2.36 29.74 -37.02
CA ALA A 114 -2.29 30.87 -36.08
C ALA A 114 -1.52 32.05 -36.67
N CYS A 115 -0.40 31.79 -37.35
CA CYS A 115 0.38 32.87 -37.97
C CYS A 115 -0.38 33.52 -39.11
N LYS A 116 -1.11 32.74 -39.89
CA LYS A 116 -1.96 33.32 -40.93
C LYS A 116 -3.07 34.19 -40.32
N LEU A 117 -3.67 33.73 -39.22
CA LEU A 117 -4.69 34.56 -38.55
C LEU A 117 -4.08 35.87 -38.06
N ALA A 118 -2.89 35.79 -37.47
CA ALA A 118 -2.25 36.96 -36.88
C ALA A 118 -1.91 37.99 -37.95
N ARG A 119 -1.37 37.55 -39.08
CA ARG A 119 -1.03 38.48 -40.14
C ARG A 119 -2.29 39.09 -40.75
N LYS A 120 -3.29 38.25 -41.07
CA LYS A 120 -4.52 38.78 -41.66
C LYS A 120 -5.22 39.74 -40.70
N TRP A 121 -5.21 39.42 -39.41
CA TRP A 121 -5.78 40.33 -38.42
C TRP A 121 -4.93 41.59 -38.32
N GLY A 122 -3.60 41.43 -38.36
CA GLY A 122 -2.73 42.59 -38.30
C GLY A 122 -2.95 43.54 -39.46
N TYR A 123 -3.17 42.99 -40.66
CA TYR A 123 -3.34 43.85 -41.83
C TYR A 123 -4.73 44.47 -41.88
N THR A 124 -5.77 43.69 -41.57
CA THR A 124 -7.13 44.13 -41.82
C THR A 124 -7.81 44.77 -40.61
N VAL A 125 -7.34 44.51 -39.39
CA VAL A 125 -7.93 45.08 -38.19
C VAL A 125 -7.00 46.08 -37.53
N LYS A 126 -5.73 45.68 -37.29
CA LYS A 126 -4.80 46.59 -36.62
C LYS A 126 -4.36 47.71 -37.54
N GLY A 127 -4.27 47.46 -38.85
CA GLY A 127 -3.92 48.49 -39.80
C GLY A 127 -2.47 48.46 -40.27
N ILE A 128 -1.70 47.45 -39.87
CA ILE A 128 -0.36 47.28 -40.39
C ILE A 128 -0.37 47.24 -41.91
N GLN A 129 0.64 47.87 -42.53
CA GLN A 129 0.74 47.85 -43.98
C GLN A 129 1.28 46.52 -44.47
N LYS A 130 0.73 46.05 -45.60
CA LYS A 130 1.22 44.85 -46.27
C LYS A 130 2.57 45.14 -46.92
N TYR A 131 3.59 44.33 -46.62
CA TYR A 131 3.51 43.17 -45.75
C TYR A 131 4.52 43.28 -44.61
N LYS A 132 4.26 44.19 -43.69
CA LYS A 132 5.20 44.51 -42.63
C LYS A 132 4.84 43.86 -41.31
N ALA A 133 3.83 42.98 -41.27
CA ALA A 133 3.43 42.35 -40.04
C ALA A 133 4.56 41.49 -39.48
N LYS A 134 4.81 41.62 -38.17
CA LYS A 134 5.81 40.83 -37.48
C LYS A 134 5.15 39.92 -36.45
N ILE A 135 5.74 38.74 -36.26
CA ILE A 135 5.35 37.84 -35.20
C ILE A 135 6.59 37.53 -34.37
N VAL A 136 6.47 37.67 -33.06
CA VAL A 136 7.59 37.48 -32.14
C VAL A 136 7.48 36.09 -31.52
N PHE A 137 8.62 35.43 -31.40
CA PHE A 137 8.72 34.12 -30.77
C PHE A 137 9.78 34.18 -29.66
N ALA A 138 9.77 33.15 -28.81
CA ALA A 138 10.75 33.05 -27.74
C ALA A 138 11.85 32.06 -28.14
N ALA A 139 13.10 32.43 -27.82
CA ALA A 139 14.21 31.51 -28.02
C ALA A 139 13.92 30.17 -27.34
N GLY A 140 14.26 29.08 -28.03
CA GLY A 140 13.96 27.75 -27.55
C GLY A 140 12.62 27.20 -27.99
N ASN A 141 11.83 28.00 -28.69
CA ASN A 141 10.51 27.54 -29.12
C ASN A 141 10.62 26.35 -30.06
N PHE A 142 9.61 25.48 -30.00
CA PHE A 142 9.43 24.45 -31.02
C PHE A 142 7.95 24.41 -31.36
N TRP A 143 7.63 24.57 -32.65
CA TRP A 143 6.25 24.32 -33.03
C TRP A 143 6.13 23.53 -34.33
N GLY A 144 7.18 22.81 -34.74
CA GLY A 144 7.03 21.92 -35.87
C GLY A 144 8.18 22.06 -36.83
N ARG A 145 7.99 21.52 -38.06
CA ARG A 145 9.09 21.31 -38.99
C ARG A 145 8.86 21.87 -40.39
N THR A 146 7.76 22.59 -40.61
CA THR A 146 7.62 23.30 -41.88
C THR A 146 8.73 24.36 -42.00
N LEU A 147 8.84 24.93 -43.20
CA LEU A 147 9.82 25.99 -43.43
C LEU A 147 9.53 27.21 -42.57
N SER A 148 8.27 27.51 -42.34
CA SER A 148 7.93 28.62 -41.45
C SER A 148 8.31 28.32 -40.00
N ALA A 149 8.01 27.10 -39.53
CA ALA A 149 8.27 26.79 -38.13
C ALA A 149 9.76 26.80 -37.82
N ILE A 150 10.59 26.27 -38.73
CA ILE A 150 12.03 26.28 -38.48
C ILE A 150 12.61 27.67 -38.63
N SER A 151 11.90 28.57 -39.34
CA SER A 151 12.38 29.94 -39.53
C SER A 151 12.38 30.74 -38.22
N SER A 152 11.58 30.34 -37.23
CA SER A 152 11.57 30.99 -35.92
C SER A 152 12.40 30.26 -34.88
N SER A 153 13.00 29.13 -35.24
CA SER A 153 13.70 28.32 -34.25
C SER A 153 15.09 28.90 -33.98
N THR A 154 15.57 28.71 -32.76
CA THR A 154 16.95 29.06 -32.43
C THR A 154 17.85 27.83 -32.40
N ASP A 155 17.31 26.66 -32.76
CA ASP A 155 18.07 25.42 -32.81
C ASP A 155 18.66 25.26 -34.20
N PRO A 156 19.99 25.38 -34.38
CA PRO A 156 20.56 25.24 -35.72
C PRO A 156 20.26 23.92 -36.40
N THR A 157 20.06 22.83 -35.64
CA THR A 157 19.71 21.56 -36.28
C THR A 157 18.36 21.64 -36.98
N SER A 158 17.49 22.54 -36.54
CA SER A 158 16.20 22.69 -37.19
C SER A 158 16.30 23.49 -38.49
N TYR A 159 17.07 24.58 -38.51
CA TYR A 159 17.01 25.47 -39.65
C TYR A 159 18.25 25.49 -40.53
N ASP A 160 19.41 25.10 -40.02
CA ASP A 160 20.65 25.21 -40.80
C ASP A 160 20.54 24.38 -42.07
N GLY A 161 20.85 25.01 -43.22
CA GLY A 161 20.79 24.33 -44.49
C GLY A 161 19.41 24.21 -45.10
N PHE A 162 18.39 24.84 -44.51
CA PHE A 162 17.02 24.76 -45.04
C PHE A 162 16.48 26.11 -45.51
N GLY A 163 17.29 27.16 -45.52
CA GLY A 163 16.83 28.47 -45.90
C GLY A 163 16.74 28.65 -47.41
N PRO A 164 16.42 29.87 -47.89
CA PRO A 164 16.16 31.10 -47.12
C PRO A 164 14.90 31.00 -46.29
N PHE A 165 14.74 31.89 -45.31
CA PHE A 165 13.78 31.69 -44.25
C PHE A 165 12.62 32.66 -44.37
N MET A 166 11.53 32.32 -43.70
CA MET A 166 10.33 33.14 -43.71
C MET A 166 10.61 34.48 -43.05
N PRO A 167 10.39 35.60 -43.72
CA PRO A 167 10.61 36.90 -43.09
C PRO A 167 9.47 37.26 -42.14
N GLY A 168 9.75 38.23 -41.28
CA GLY A 168 8.75 38.72 -40.35
C GLY A 168 8.67 38.01 -39.03
N PHE A 169 9.66 37.19 -38.68
CA PHE A 169 9.69 36.44 -37.42
C PHE A 169 10.85 36.97 -36.58
N ASP A 170 10.53 37.63 -35.46
CA ASP A 170 11.55 38.10 -34.55
C ASP A 170 11.62 37.17 -33.33
N ILE A 171 12.79 37.11 -32.71
CA ILE A 171 13.02 36.21 -31.58
C ILE A 171 13.55 37.02 -30.40
N ILE A 172 13.01 36.74 -29.23
CA ILE A 172 13.45 37.32 -27.96
C ILE A 172 13.67 36.17 -26.97
N PRO A 173 14.39 36.42 -25.88
CA PRO A 173 14.56 35.37 -24.87
C PRO A 173 13.22 34.99 -24.26
N TYR A 174 13.10 33.71 -23.89
CA TYR A 174 11.98 33.21 -23.10
C TYR A 174 12.03 33.78 -21.69
N ASN A 175 10.88 33.79 -21.02
CA ASN A 175 10.84 34.11 -19.58
C ASN A 175 11.43 35.49 -19.31
N ASP A 176 11.12 36.46 -20.18
CA ASP A 176 11.80 37.77 -20.15
C ASP A 176 10.77 38.85 -20.50
N LEU A 177 10.15 39.43 -19.46
CA LEU A 177 9.15 40.47 -19.71
C LEU A 177 9.78 41.77 -20.21
N PRO A 178 10.87 42.28 -19.61
CA PRO A 178 11.52 43.46 -20.22
C PRO A 178 11.81 43.29 -21.70
N ALA A 179 12.20 42.08 -22.14
CA ALA A 179 12.48 41.89 -23.56
C ALA A 179 11.21 41.94 -24.40
N LEU A 180 10.10 41.43 -23.86
CA LEU A 180 8.85 41.48 -24.61
C LEU A 180 8.33 42.91 -24.71
N GLU A 181 8.35 43.63 -23.60
CA GLU A 181 8.02 45.06 -23.61
C GLU A 181 8.84 45.81 -24.66
N ARG A 182 10.15 45.59 -24.69
CA ARG A 182 11.00 46.28 -25.65
C ARG A 182 10.63 45.89 -27.08
N ALA A 183 10.39 44.60 -27.32
CA ALA A 183 10.06 44.16 -28.66
C ALA A 183 8.72 44.72 -29.12
N LEU A 184 7.77 44.86 -28.19
CA LEU A 184 6.43 45.32 -28.54
C LEU A 184 6.34 46.82 -28.74
N GLN A 185 7.46 47.55 -28.66
CA GLN A 185 7.43 48.96 -29.03
C GLN A 185 7.23 49.15 -30.53
N ASP A 186 7.53 48.14 -31.33
CA ASP A 186 7.35 48.14 -32.77
C ASP A 186 5.86 48.02 -33.11
N PRO A 187 5.24 49.05 -33.69
CA PRO A 187 3.80 48.98 -33.98
C PRO A 187 3.45 47.96 -35.07
N ASN A 188 4.42 47.40 -35.77
CA ASN A 188 4.15 46.41 -36.80
C ASN A 188 4.14 44.97 -36.27
N VAL A 189 4.26 44.79 -34.96
CA VAL A 189 4.14 43.46 -34.38
C VAL A 189 2.67 43.11 -34.28
N ALA A 190 2.29 41.96 -34.85
CA ALA A 190 0.91 41.51 -34.83
C ALA A 190 0.61 40.49 -33.74
N ALA A 191 1.61 39.69 -33.34
CA ALA A 191 1.37 38.59 -32.42
C ALA A 191 2.68 38.22 -31.72
N PHE A 192 2.52 37.60 -30.55
CA PHE A 192 3.61 36.94 -29.82
C PHE A 192 3.13 35.54 -29.52
N MET A 193 3.80 34.54 -30.11
CA MET A 193 3.50 33.13 -29.89
C MET A 193 4.48 32.55 -28.88
N VAL A 194 3.97 31.81 -27.89
CA VAL A 194 4.80 31.33 -26.80
C VAL A 194 4.20 30.07 -26.22
N GLU A 195 5.06 29.16 -25.77
CA GLU A 195 4.67 27.99 -25.00
C GLU A 195 4.65 28.35 -23.52
N PRO A 196 3.56 28.02 -22.79
CA PRO A 196 3.55 28.30 -21.34
C PRO A 196 4.64 27.57 -20.59
N ILE A 197 4.96 26.35 -21.01
CA ILE A 197 6.19 25.66 -20.63
C ILE A 197 6.80 25.14 -21.92
N GLN A 198 8.08 25.41 -22.15
CA GLN A 198 8.74 24.96 -23.38
C GLN A 198 9.05 23.47 -23.27
N GLY A 199 8.46 22.69 -24.17
CA GLY A 199 8.62 21.25 -24.09
C GLY A 199 9.91 20.74 -24.70
N GLU A 200 10.05 20.87 -26.02
CA GLU A 200 11.23 20.36 -26.72
C GLU A 200 12.52 20.98 -26.17
N ALA A 201 12.47 22.22 -25.68
CA ALA A 201 13.66 22.85 -25.14
C ALA A 201 14.13 22.18 -23.86
N GLY A 202 13.26 21.40 -23.20
CA GLY A 202 13.66 20.66 -22.02
C GLY A 202 12.81 20.94 -20.79
N VAL A 203 11.52 21.15 -20.99
CA VAL A 203 10.58 21.50 -19.93
C VAL A 203 11.12 22.73 -19.22
N VAL A 204 11.26 23.83 -19.96
CA VAL A 204 11.72 25.11 -19.42
C VAL A 204 10.50 25.82 -18.85
N VAL A 205 10.45 25.93 -17.53
CA VAL A 205 9.30 26.52 -16.83
C VAL A 205 9.61 27.99 -16.58
N PRO A 206 8.81 28.92 -17.07
CA PRO A 206 9.06 30.33 -16.80
C PRO A 206 8.71 30.68 -15.37
N ASP A 207 9.21 31.82 -14.92
CA ASP A 207 9.02 32.20 -13.53
C ASP A 207 7.56 32.57 -13.26
N PRO A 208 7.11 32.47 -12.01
CA PRO A 208 5.74 32.91 -11.70
C PRO A 208 5.54 34.36 -12.11
N GLY A 209 4.36 34.64 -12.66
CA GLY A 209 4.04 35.96 -13.14
C GLY A 209 4.37 36.23 -14.60
N TYR A 210 5.15 35.36 -15.24
CA TYR A 210 5.54 35.60 -16.63
C TYR A 210 4.33 35.63 -17.55
N LEU A 211 3.45 34.63 -17.44
CA LEU A 211 2.28 34.56 -18.33
C LEU A 211 1.31 35.71 -18.06
N MET A 212 1.16 36.10 -16.79
CA MET A 212 0.39 37.30 -16.47
C MET A 212 0.99 38.52 -17.14
N GLY A 213 2.33 38.65 -17.09
CA GLY A 213 2.98 39.78 -17.71
C GLY A 213 2.89 39.77 -19.21
N VAL A 214 2.88 38.58 -19.82
CA VAL A 214 2.73 38.49 -21.27
C VAL A 214 1.36 38.97 -21.68
N ARG A 215 0.33 38.52 -20.95
CA ARG A 215 -1.04 38.93 -21.25
C ARG A 215 -1.19 40.44 -21.18
N GLU A 216 -0.69 41.06 -20.11
CA GLU A 216 -0.82 42.51 -19.94
C GLU A 216 -0.10 43.26 -21.05
N LEU A 217 1.15 42.87 -21.34
CA LEU A 217 1.91 43.56 -22.38
C LEU A 217 1.24 43.42 -23.74
N CYS A 218 0.75 42.22 -24.07
CA CYS A 218 0.11 42.05 -25.37
C CYS A 218 -1.15 42.92 -25.47
N THR A 219 -1.96 42.96 -24.41
CA THR A 219 -3.16 43.80 -24.42
C THR A 219 -2.79 45.28 -24.54
N ARG A 220 -1.83 45.74 -23.72
CA ARG A 220 -1.45 47.15 -23.70
C ARG A 220 -0.97 47.64 -25.06
N HIS A 221 -0.37 46.76 -25.86
CA HIS A 221 0.13 47.10 -27.18
C HIS A 221 -0.74 46.53 -28.31
N GLN A 222 -1.97 46.11 -27.98
CA GLN A 222 -2.85 45.31 -28.84
C GLN A 222 -2.06 44.42 -29.79
N VAL A 223 -1.36 43.45 -29.22
CA VAL A 223 -0.71 42.36 -29.94
C VAL A 223 -1.45 41.08 -29.57
N LEU A 224 -1.59 40.15 -30.53
CA LEU A 224 -2.23 38.87 -30.24
C LEU A 224 -1.29 37.96 -29.47
N PHE A 225 -1.78 37.44 -28.34
CA PHE A 225 -1.07 36.51 -27.49
C PHE A 225 -1.50 35.11 -27.94
N ILE A 226 -0.61 34.41 -28.63
CA ILE A 226 -0.87 33.05 -29.09
C ILE A 226 -0.20 32.09 -28.12
N ALA A 227 -1.00 31.28 -27.43
CA ALA A 227 -0.49 30.29 -26.49
C ALA A 227 -0.46 28.94 -27.18
N ASP A 228 0.73 28.40 -27.38
CA ASP A 228 0.89 27.07 -27.96
C ASP A 228 0.76 26.06 -26.83
N GLU A 229 -0.43 25.48 -26.68
CA GLU A 229 -0.65 24.46 -25.67
C GLU A 229 -0.78 23.07 -26.29
N ILE A 230 -0.03 22.83 -27.38
CA ILE A 230 -0.12 21.54 -28.06
C ILE A 230 0.52 20.44 -27.22
N GLN A 231 1.59 20.76 -26.48
CA GLN A 231 2.20 19.80 -25.57
C GLN A 231 1.80 20.00 -24.11
N THR A 232 1.53 21.22 -23.68
CA THR A 232 1.21 21.52 -22.28
C THR A 232 -0.27 21.43 -21.94
N GLY A 233 -1.15 21.52 -22.94
CA GLY A 233 -2.56 21.54 -22.69
C GLY A 233 -3.13 20.19 -22.30
N LEU A 234 -4.44 20.17 -22.09
CA LEU A 234 -5.17 18.93 -21.94
C LEU A 234 -4.70 18.13 -20.73
N ALA A 235 -4.61 18.80 -19.59
CA ALA A 235 -4.40 18.25 -18.24
C ALA A 235 -2.96 17.82 -17.95
N ARG A 236 -2.02 17.93 -18.89
CA ARG A 236 -0.69 17.36 -18.66
C ARG A 236 0.03 18.05 -17.50
N THR A 237 -0.09 19.37 -17.39
CA THR A 237 0.60 20.14 -16.36
C THR A 237 -0.21 20.28 -15.06
N GLY A 238 -1.40 19.69 -14.98
CA GLY A 238 -2.21 19.77 -13.78
C GLY A 238 -3.41 20.69 -13.86
N ARG A 239 -3.60 21.39 -14.98
CA ARG A 239 -4.81 22.15 -15.26
C ARG A 239 -5.22 21.86 -16.69
N TRP A 240 -6.45 22.26 -17.06
CA TRP A 240 -6.91 22.08 -18.44
C TRP A 240 -5.92 22.71 -19.41
N LEU A 241 -5.48 23.92 -19.10
CA LEU A 241 -4.43 24.59 -19.87
C LEU A 241 -3.36 25.05 -18.90
N ALA A 242 -2.10 25.00 -19.33
CA ALA A 242 -1.03 25.46 -18.46
C ALA A 242 -1.20 26.92 -18.09
N VAL A 243 -1.78 27.73 -18.98
CA VAL A 243 -2.02 29.14 -18.64
C VAL A 243 -3.04 29.32 -17.54
N ASP A 244 -3.81 28.27 -17.20
CA ASP A 244 -4.81 28.40 -16.13
C ASP A 244 -4.14 28.64 -14.78
N TYR A 245 -2.88 28.20 -14.63
CA TYR A 245 -2.16 28.41 -13.37
C TYR A 245 -2.10 29.89 -13.02
N GLU A 246 -2.06 30.77 -14.00
CA GLU A 246 -2.02 32.21 -13.75
C GLU A 246 -3.31 32.91 -14.17
N ASN A 247 -4.39 32.15 -14.42
CA ASN A 247 -5.69 32.74 -14.71
C ASN A 247 -5.63 33.66 -15.92
N VAL A 248 -4.90 33.24 -16.94
CA VAL A 248 -4.62 34.06 -18.11
C VAL A 248 -5.38 33.51 -19.31
N ARG A 249 -5.98 34.41 -20.09
CA ARG A 249 -6.77 34.04 -21.26
C ARG A 249 -6.09 34.54 -22.53
N PRO A 250 -5.37 33.68 -23.24
CA PRO A 250 -4.72 34.11 -24.50
C PRO A 250 -5.74 34.43 -25.58
N ASP A 251 -5.24 35.07 -26.64
CA ASP A 251 -6.10 35.45 -27.76
C ASP A 251 -6.30 34.29 -28.72
N ILE A 252 -5.28 33.46 -28.91
CA ILE A 252 -5.37 32.24 -29.69
C ILE A 252 -4.77 31.10 -28.86
N VAL A 253 -5.48 29.98 -28.78
CA VAL A 253 -4.97 28.80 -28.11
C VAL A 253 -4.83 27.68 -29.14
N LEU A 254 -3.66 27.05 -29.17
CA LEU A 254 -3.42 25.91 -30.04
C LEU A 254 -3.46 24.64 -29.23
N LEU A 255 -4.16 23.62 -29.75
CA LEU A 255 -4.20 22.30 -29.15
C LEU A 255 -3.83 21.26 -30.18
N GLY A 256 -3.37 20.11 -29.70
CA GLY A 256 -3.02 19.01 -30.57
C GLY A 256 -2.71 17.77 -29.77
N LYS A 257 -1.86 16.91 -30.32
CA LYS A 257 -1.28 15.75 -29.62
C LYS A 257 -2.34 14.93 -28.90
N ALA A 258 -2.53 15.19 -27.59
CA ALA A 258 -3.51 14.46 -26.80
C ALA A 258 -4.94 14.81 -27.14
N LEU A 259 -5.18 15.78 -28.03
CA LEU A 259 -6.54 16.07 -28.47
C LEU A 259 -7.25 14.84 -29.02
N SER A 260 -6.50 13.79 -29.38
CA SER A 260 -7.06 12.56 -29.91
C SER A 260 -6.71 11.34 -29.07
N GLY A 261 -5.99 11.50 -27.96
CA GLY A 261 -5.51 10.35 -27.23
C GLY A 261 -4.52 9.50 -28.00
N GLY A 262 -3.93 10.04 -29.08
CA GLY A 262 -2.99 9.31 -29.89
C GLY A 262 -3.59 8.46 -31.00
N LEU A 263 -4.91 8.53 -31.21
CA LEU A 263 -5.58 7.66 -32.18
C LEU A 263 -5.72 8.28 -33.56
N TYR A 264 -5.46 9.57 -33.70
CA TYR A 264 -5.73 10.28 -34.95
C TYR A 264 -5.05 11.63 -34.90
N PRO A 265 -4.49 12.13 -36.01
CA PRO A 265 -3.91 13.48 -36.00
C PRO A 265 -5.00 14.53 -36.00
N VAL A 266 -5.28 15.13 -34.83
CA VAL A 266 -6.26 16.20 -34.69
C VAL A 266 -5.61 17.37 -33.97
N SER A 267 -5.71 18.56 -34.55
CA SER A 267 -5.24 19.79 -33.93
C SER A 267 -6.33 20.85 -34.02
N ALA A 268 -6.22 21.90 -33.21
CA ALA A 268 -7.26 22.90 -33.13
C ALA A 268 -6.69 24.29 -32.89
N VAL A 269 -7.35 25.29 -33.48
CA VAL A 269 -7.05 26.71 -33.29
C VAL A 269 -8.29 27.35 -32.67
N LEU A 270 -8.18 27.81 -31.44
CA LEU A 270 -9.30 28.42 -30.73
C LEU A 270 -9.11 29.93 -30.61
N CYS A 271 -10.14 30.69 -30.98
CA CYS A 271 -10.14 32.13 -30.72
C CYS A 271 -11.53 32.69 -30.98
N ASP A 272 -11.72 33.96 -30.60
CA ASP A 272 -13.00 34.62 -30.72
C ASP A 272 -13.21 35.14 -32.14
N ASP A 273 -14.45 35.56 -32.41
CA ASP A 273 -14.89 35.98 -33.74
C ASP A 273 -14.02 37.10 -34.31
N ASP A 274 -13.56 38.02 -33.45
CA ASP A 274 -12.85 39.18 -33.97
C ASP A 274 -11.54 38.80 -34.65
N ILE A 275 -10.94 37.69 -34.24
CA ILE A 275 -9.76 37.18 -34.94
C ILE A 275 -10.14 36.13 -35.97
N MET A 276 -10.99 35.16 -35.58
CA MET A 276 -11.24 34.00 -36.42
C MET A 276 -11.81 34.40 -37.77
N LEU A 277 -12.68 35.41 -37.81
CA LEU A 277 -13.42 35.76 -39.00
C LEU A 277 -12.67 36.70 -39.95
N THR A 278 -11.40 36.99 -39.69
CA THR A 278 -10.63 37.69 -40.70
C THR A 278 -10.26 36.77 -41.86
N ILE A 279 -10.28 35.45 -41.65
CA ILE A 279 -10.13 34.49 -42.75
C ILE A 279 -11.51 34.19 -43.33
N LYS A 280 -11.68 34.47 -44.58
CA LYS A 280 -12.97 34.34 -45.26
C LYS A 280 -13.03 33.03 -46.03
N PRO A 281 -14.23 32.58 -46.42
CA PRO A 281 -14.34 31.30 -47.13
C PRO A 281 -13.44 31.25 -48.36
N GLY A 282 -12.78 30.11 -48.55
CA GLY A 282 -11.88 29.91 -49.65
C GLY A 282 -10.43 30.27 -49.38
N GLU A 283 -10.10 30.76 -48.18
CA GLU A 283 -8.79 31.33 -47.93
C GLU A 283 -7.89 30.49 -47.03
N HIS A 284 -8.39 29.38 -46.49
CA HIS A 284 -7.55 28.50 -45.68
C HIS A 284 -8.29 27.18 -45.49
N GLY A 285 -7.53 26.12 -45.27
CA GLY A 285 -8.16 24.83 -45.04
C GLY A 285 -7.14 23.69 -45.12
N SER A 286 -7.67 22.51 -45.41
CA SER A 286 -6.97 21.24 -45.26
C SER A 286 -7.87 20.09 -45.72
N THR A 287 -7.28 19.10 -46.40
CA THR A 287 -8.04 17.95 -46.84
C THR A 287 -8.74 17.26 -45.67
N TYR A 288 -7.95 16.83 -44.68
CA TYR A 288 -8.47 16.04 -43.57
C TYR A 288 -8.95 16.86 -42.39
N GLY A 289 -8.69 18.16 -42.36
CA GLY A 289 -9.11 18.99 -41.24
C GLY A 289 -10.61 18.95 -41.04
N GLY A 290 -11.03 18.60 -39.82
CA GLY A 290 -12.43 18.56 -39.49
C GLY A 290 -13.18 17.34 -39.95
N ASN A 291 -12.50 16.29 -40.39
CA ASN A 291 -13.18 15.09 -40.85
C ASN A 291 -13.94 14.45 -39.68
N PRO A 292 -15.00 13.69 -39.98
CA PRO A 292 -15.87 13.20 -38.89
C PRO A 292 -15.24 12.12 -38.02
N LEU A 293 -14.28 11.35 -38.55
CA LEU A 293 -13.66 10.32 -37.72
C LEU A 293 -12.76 10.95 -36.67
N GLY A 294 -11.89 11.87 -37.08
CA GLY A 294 -11.07 12.59 -36.11
C GLY A 294 -11.91 13.34 -35.09
N CYS A 295 -13.05 13.89 -35.52
CA CYS A 295 -13.93 14.63 -34.62
C CYS A 295 -14.55 13.71 -33.56
N ARG A 296 -14.99 12.51 -33.96
CA ARG A 296 -15.54 11.59 -32.97
C ARG A 296 -14.47 11.18 -31.96
N VAL A 297 -13.24 10.97 -32.44
CA VAL A 297 -12.14 10.58 -31.57
C VAL A 297 -11.82 11.68 -30.56
N ALA A 298 -11.78 12.93 -31.04
CA ALA A 298 -11.40 14.04 -30.17
C ALA A 298 -12.46 14.33 -29.11
N ILE A 299 -13.74 14.23 -29.47
CA ILE A 299 -14.79 14.37 -28.46
C ILE A 299 -14.57 13.36 -27.34
N ALA A 300 -14.42 12.08 -27.71
CA ALA A 300 -14.19 11.05 -26.71
C ALA A 300 -12.91 11.31 -25.93
N ALA A 301 -11.85 11.73 -26.62
CA ALA A 301 -10.58 12.00 -25.95
C ALA A 301 -10.74 13.12 -24.92
N LEU A 302 -11.46 14.18 -25.28
CA LEU A 302 -11.66 15.27 -24.33
C LEU A 302 -12.53 14.83 -23.15
N GLU A 303 -13.51 13.96 -23.41
CA GLU A 303 -14.38 13.51 -22.34
C GLU A 303 -13.63 12.68 -21.32
N VAL A 304 -12.63 11.91 -21.77
CA VAL A 304 -11.83 11.08 -20.86
C VAL A 304 -11.07 11.97 -19.88
N LEU A 305 -10.44 13.02 -20.40
CA LEU A 305 -9.68 13.92 -19.53
C LEU A 305 -10.57 14.54 -18.47
N GLU A 306 -11.80 14.91 -18.83
CA GLU A 306 -12.67 15.55 -17.86
C GLU A 306 -13.26 14.55 -16.88
N GLU A 307 -13.81 13.44 -17.39
CA GLU A 307 -14.56 12.53 -16.53
C GLU A 307 -13.66 11.75 -15.58
N GLU A 308 -12.40 11.51 -15.96
CA GLU A 308 -11.47 10.78 -15.11
C GLU A 308 -10.59 11.70 -14.26
N ASN A 309 -10.85 13.01 -14.27
CA ASN A 309 -10.18 13.98 -13.40
C ASN A 309 -8.66 13.89 -13.53
N LEU A 310 -8.19 13.83 -14.77
CA LEU A 310 -6.77 13.56 -15.00
C LEU A 310 -5.91 14.75 -14.63
N ALA A 311 -6.45 15.97 -14.69
CA ALA A 311 -5.66 17.15 -14.33
C ALA A 311 -5.28 17.12 -12.85
N GLU A 312 -6.23 16.84 -11.96
CA GLU A 312 -5.92 16.80 -10.54
C GLU A 312 -5.01 15.63 -10.20
N ASN A 313 -5.19 14.50 -10.88
CA ASN A 313 -4.23 13.40 -10.73
C ASN A 313 -2.83 13.82 -11.16
N ALA A 314 -2.73 14.48 -12.32
CA ALA A 314 -1.43 14.96 -12.78
C ALA A 314 -0.82 15.93 -11.78
N ASP A 315 -1.65 16.77 -11.16
CA ASP A 315 -1.15 17.72 -10.16
C ASP A 315 -0.58 17.00 -8.96
N LYS A 316 -1.41 16.19 -8.29
CA LYS A 316 -1.00 15.49 -7.08
C LYS A 316 0.21 14.59 -7.34
N LEU A 317 0.17 13.83 -8.44
CA LEU A 317 1.26 12.89 -8.71
C LEU A 317 2.52 13.60 -9.18
N GLY A 318 2.38 14.75 -9.83
CA GLY A 318 3.55 15.52 -10.21
C GLY A 318 4.31 16.04 -9.00
N ILE A 319 3.60 16.36 -7.92
CA ILE A 319 4.24 16.79 -6.69
C ILE A 319 5.08 15.66 -6.10
N ILE A 320 4.54 14.44 -6.14
CA ILE A 320 5.28 13.28 -5.62
C ILE A 320 6.52 13.02 -6.49
N LEU A 321 6.36 13.06 -7.81
CA LEU A 321 7.46 12.73 -8.70
C LEU A 321 8.63 13.68 -8.49
N ARG A 322 8.36 14.99 -8.46
CA ARG A 322 9.44 15.97 -8.33
C ARG A 322 10.11 15.89 -6.96
N ASN A 323 9.33 15.68 -5.91
CA ASN A 323 9.92 15.59 -4.57
C ASN A 323 10.83 14.38 -4.45
N GLU A 324 10.43 13.25 -5.05
CA GLU A 324 11.29 12.07 -5.02
C GLU A 324 12.52 12.25 -5.91
N LEU A 325 12.35 12.88 -7.08
CA LEU A 325 13.50 13.11 -7.96
C LEU A 325 14.52 14.05 -7.32
N MET A 326 14.07 14.98 -6.49
CA MET A 326 15.00 15.89 -5.82
C MET A 326 15.84 15.20 -4.75
N LYS A 327 15.53 13.95 -4.40
CA LYS A 327 16.37 13.20 -3.47
C LYS A 327 17.58 12.57 -4.15
N LEU A 328 17.67 12.65 -5.48
CA LEU A 328 18.80 12.07 -6.19
C LEU A 328 20.05 12.91 -5.97
N PRO A 329 21.23 12.30 -6.03
CA PRO A 329 22.46 13.04 -5.70
C PRO A 329 22.74 14.15 -6.70
N SER A 330 23.16 15.30 -6.17
CA SER A 330 23.47 16.45 -7.01
C SER A 330 24.62 16.16 -7.96
N ASP A 331 25.56 15.31 -7.55
CA ASP A 331 26.68 14.96 -8.42
C ASP A 331 26.23 14.33 -9.72
N VAL A 332 25.01 13.79 -9.77
CA VAL A 332 24.49 13.11 -10.94
C VAL A 332 23.33 13.87 -11.57
N VAL A 333 22.39 14.33 -10.76
CA VAL A 333 21.20 15.04 -11.23
C VAL A 333 21.33 16.50 -10.83
N THR A 334 21.51 17.36 -11.83
CA THR A 334 21.83 18.76 -11.63
C THR A 334 20.60 19.63 -11.40
N ALA A 335 19.41 19.15 -11.76
CA ALA A 335 18.21 19.95 -11.72
C ALA A 335 17.00 19.06 -11.91
N VAL A 336 15.91 19.43 -11.25
CA VAL A 336 14.60 18.82 -11.45
C VAL A 336 13.62 19.96 -11.70
N ARG A 337 12.78 19.81 -12.72
CA ARG A 337 11.82 20.87 -13.00
C ARG A 337 10.59 20.30 -13.66
N GLY A 338 9.52 21.10 -13.63
CA GLY A 338 8.28 20.73 -14.28
C GLY A 338 7.04 21.19 -13.55
N LYS A 339 5.89 21.01 -14.19
CA LYS A 339 4.57 21.20 -13.59
C LYS A 339 3.73 19.97 -13.90
N GLY A 340 2.91 19.55 -12.93
CA GLY A 340 2.08 18.37 -13.15
C GLY A 340 2.94 17.19 -13.52
N LEU A 341 2.55 16.45 -14.56
CA LEU A 341 3.31 15.30 -15.03
C LEU A 341 4.11 15.62 -16.28
N LEU A 342 4.47 16.88 -16.48
CA LEU A 342 5.46 17.28 -17.47
C LEU A 342 6.69 17.71 -16.69
N ASN A 343 7.66 16.81 -16.57
CA ASN A 343 8.84 17.02 -15.76
C ASN A 343 10.10 16.64 -16.52
N ALA A 344 11.25 17.06 -16.00
CA ALA A 344 12.54 16.72 -16.58
C ALA A 344 13.62 16.81 -15.52
N ILE A 345 14.66 16.00 -15.70
CA ILE A 345 15.86 16.09 -14.88
C ILE A 345 17.04 16.39 -15.81
N VAL A 346 18.07 17.02 -15.26
CA VAL A 346 19.27 17.36 -16.01
C VAL A 346 20.42 16.54 -15.44
N ILE A 347 21.16 15.88 -16.33
CA ILE A 347 22.20 14.92 -15.97
C ILE A 347 23.55 15.60 -16.12
N LYS A 348 24.41 15.51 -15.10
CA LYS A 348 25.72 16.14 -15.21
C LYS A 348 26.61 15.33 -16.15
N GLU A 349 26.61 15.72 -17.42
CA GLU A 349 27.38 14.99 -18.43
C GLU A 349 28.87 15.03 -18.12
N THR A 350 29.55 13.90 -18.36
CA THR A 350 30.98 13.80 -18.24
C THR A 350 31.57 13.53 -19.63
N LYS A 351 32.82 13.07 -19.66
CA LYS A 351 33.39 12.59 -20.92
C LYS A 351 32.69 11.32 -21.39
N ASP A 352 32.20 10.51 -20.45
CA ASP A 352 31.61 9.21 -20.75
C ASP A 352 30.11 9.21 -20.47
N TRP A 353 29.71 9.34 -19.21
CA TRP A 353 28.33 9.11 -18.78
C TRP A 353 27.46 10.32 -19.13
N ASP A 354 26.33 10.06 -19.80
CA ASP A 354 25.47 11.12 -20.29
C ASP A 354 24.01 10.68 -20.22
N ALA A 355 23.12 11.54 -20.72
CA ALA A 355 21.69 11.25 -20.65
C ALA A 355 21.27 10.11 -21.56
N TRP A 356 21.96 9.93 -22.69
CA TRP A 356 21.64 8.81 -23.57
C TRP A 356 21.93 7.49 -22.89
N LYS A 357 23.06 7.39 -22.20
CA LYS A 357 23.38 6.16 -21.48
C LYS A 357 22.37 5.90 -20.36
N VAL A 358 21.96 6.95 -19.65
CA VAL A 358 20.94 6.80 -18.62
C VAL A 358 19.66 6.22 -19.21
N CYS A 359 19.26 6.72 -20.37
CA CYS A 359 18.02 6.25 -20.98
C CYS A 359 18.16 4.81 -21.48
N LEU A 360 19.33 4.44 -21.98
CA LEU A 360 19.56 3.05 -22.35
C LEU A 360 19.39 2.14 -21.15
N ARG A 361 19.91 2.55 -19.99
CA ARG A 361 19.81 1.73 -18.80
C ARG A 361 18.43 1.80 -18.14
N LEU A 362 17.76 2.95 -18.23
CA LEU A 362 16.35 3.00 -17.86
C LEU A 362 15.56 1.98 -18.66
N ARG A 363 15.79 1.94 -19.98
CA ARG A 363 15.15 0.95 -20.83
C ARG A 363 15.45 -0.46 -20.37
N ASP A 364 16.71 -0.75 -20.06
CA ASP A 364 17.09 -2.07 -19.54
C ASP A 364 16.28 -2.43 -18.30
N ASN A 365 15.96 -1.43 -17.46
CA ASN A 365 15.29 -1.65 -16.19
C ASN A 365 13.78 -1.48 -16.27
N GLY A 366 13.22 -1.34 -17.48
CA GLY A 366 11.79 -1.36 -17.65
C GLY A 366 11.09 -0.02 -17.74
N LEU A 367 11.81 1.06 -18.06
CA LEU A 367 11.20 2.38 -18.16
C LEU A 367 11.75 3.11 -19.39
N LEU A 368 10.85 3.69 -20.18
CA LEU A 368 11.22 4.29 -21.45
C LEU A 368 11.17 5.80 -21.37
N ALA A 369 12.31 6.43 -21.61
CA ALA A 369 12.39 7.87 -21.76
C ALA A 369 13.47 8.16 -22.79
N LYS A 370 13.69 9.45 -23.05
CA LYS A 370 14.69 9.84 -24.02
C LYS A 370 15.23 11.22 -23.75
N PRO A 371 16.49 11.48 -24.06
CA PRO A 371 17.04 12.81 -23.84
C PRO A 371 16.64 13.80 -24.92
N THR A 372 16.67 15.07 -24.55
CA THR A 372 16.51 16.17 -25.49
C THR A 372 17.62 17.18 -25.24
N HIS A 373 18.15 17.74 -26.33
CA HIS A 373 19.27 18.68 -26.29
C HIS A 373 20.42 18.15 -25.42
N GLY A 374 20.69 16.86 -25.54
CA GLY A 374 21.87 16.28 -24.90
C GLY A 374 21.69 15.74 -23.50
N ASP A 375 21.47 16.62 -22.52
CA ASP A 375 21.61 16.26 -21.11
C ASP A 375 20.30 16.32 -20.32
N ILE A 376 19.15 16.43 -21.00
CA ILE A 376 17.87 16.63 -20.34
C ILE A 376 16.98 15.43 -20.62
N ILE A 377 16.59 14.70 -19.58
CA ILE A 377 15.69 13.56 -19.68
C ILE A 377 14.31 13.99 -19.24
N ARG A 378 13.33 13.87 -20.13
CA ARG A 378 11.95 14.18 -19.81
C ARG A 378 11.27 12.98 -19.15
N PHE A 379 10.47 13.26 -18.12
CA PHE A 379 9.65 12.26 -17.45
C PHE A 379 8.20 12.70 -17.58
N ALA A 380 7.43 11.97 -18.39
CA ALA A 380 6.06 12.37 -18.74
C ALA A 380 5.22 11.12 -18.98
N PRO A 381 4.79 10.45 -17.91
CA PRO A 381 3.95 9.25 -18.06
C PRO A 381 2.50 9.62 -18.33
N PRO A 382 1.69 8.68 -18.81
CA PRO A 382 0.28 9.00 -19.05
C PRO A 382 -0.40 9.43 -17.75
N LEU A 383 -1.37 10.34 -17.88
CA LEU A 383 -2.04 10.91 -16.72
C LEU A 383 -2.93 9.91 -16.01
N VAL A 384 -3.17 8.72 -16.58
CA VAL A 384 -3.94 7.68 -15.91
C VAL A 384 -3.12 6.86 -14.93
N ILE A 385 -1.81 7.12 -14.83
CA ILE A 385 -0.98 6.38 -13.89
C ILE A 385 -1.48 6.58 -12.46
N LYS A 386 -1.35 5.53 -11.66
CA LYS A 386 -1.74 5.56 -10.25
C LYS A 386 -0.52 5.79 -9.37
N GLU A 387 -0.77 6.15 -8.11
CA GLU A 387 0.34 6.49 -7.22
C GLU A 387 1.26 5.31 -7.01
N ASP A 388 0.70 4.11 -6.81
CA ASP A 388 1.53 2.92 -6.65
C ASP A 388 2.38 2.67 -7.89
N GLU A 389 1.77 2.77 -9.07
CA GLU A 389 2.53 2.59 -10.30
C GLU A 389 3.60 3.67 -10.46
N LEU A 390 3.30 4.90 -10.04
CA LEU A 390 4.29 5.97 -10.13
C LEU A 390 5.48 5.69 -9.21
N ARG A 391 5.22 5.20 -8.01
CA ARG A 391 6.32 4.94 -7.07
C ARG A 391 7.18 3.77 -7.55
N GLU A 392 6.57 2.75 -8.16
CA GLU A 392 7.36 1.68 -8.75
C GLU A 392 8.28 2.22 -9.85
N SER A 393 7.77 3.19 -10.63
CA SER A 393 8.60 3.81 -11.67
C SER A 393 9.73 4.63 -11.06
N ILE A 394 9.46 5.34 -9.97
CA ILE A 394 10.49 6.14 -9.32
C ILE A 394 11.62 5.26 -8.82
N GLU A 395 11.29 4.06 -8.33
CA GLU A 395 12.33 3.16 -7.87
C GLU A 395 13.18 2.66 -9.03
N ILE A 396 12.58 2.47 -10.21
CA ILE A 396 13.37 2.15 -11.40
C ILE A 396 14.33 3.30 -11.71
N ILE A 397 13.83 4.54 -11.64
CA ILE A 397 14.68 5.70 -11.87
C ILE A 397 15.82 5.74 -10.86
N ASN A 398 15.50 5.50 -9.59
CA ASN A 398 16.52 5.52 -8.54
C ASN A 398 17.56 4.42 -8.77
N LYS A 399 17.09 3.19 -9.05
CA LYS A 399 18.02 2.09 -9.30
C LYS A 399 18.95 2.41 -10.47
N THR A 400 18.41 2.99 -11.53
CA THR A 400 19.21 3.30 -12.72
C THR A 400 20.23 4.38 -12.41
N ILE A 401 19.77 5.51 -11.89
CA ILE A 401 20.66 6.64 -11.62
C ILE A 401 21.75 6.26 -10.63
N LEU A 402 21.38 5.55 -9.57
CA LEU A 402 22.34 5.16 -8.54
C LEU A 402 23.15 3.93 -8.91
N SER A 403 23.14 3.52 -10.17
CA SER A 403 23.94 2.38 -10.62
C SER A 403 25.20 2.80 -11.37
N PHE A 404 25.38 4.09 -11.63
CA PHE A 404 26.54 4.55 -12.39
C PHE A 404 27.71 4.87 -11.47
N GLY B 1 27.26 -8.72 -18.39
CA GLY B 1 26.32 -8.27 -17.38
C GLY B 1 26.89 -8.26 -15.98
N PRO B 2 26.16 -7.67 -15.04
CA PRO B 2 26.62 -7.62 -13.66
C PRO B 2 26.48 -8.98 -13.00
N PRO B 3 27.14 -9.19 -11.86
CA PRO B 3 27.02 -10.50 -11.19
C PRO B 3 25.63 -10.71 -10.61
N THR B 4 25.14 -11.94 -10.76
CA THR B 4 23.94 -12.36 -10.05
C THR B 4 24.24 -12.56 -8.57
N SER B 5 23.17 -12.75 -7.79
CA SER B 5 23.35 -13.05 -6.37
C SER B 5 24.18 -14.31 -6.17
N ASP B 6 23.95 -15.34 -6.99
CA ASP B 6 24.72 -16.57 -6.86
C ASP B 6 26.19 -16.34 -7.18
N ASP B 7 26.50 -15.55 -8.22
CA ASP B 7 27.89 -15.22 -8.50
C ASP B 7 28.53 -14.55 -7.29
N ILE B 8 27.78 -13.69 -6.60
CA ILE B 8 28.33 -12.97 -5.46
C ILE B 8 28.67 -13.93 -4.33
N PHE B 9 27.75 -14.86 -4.02
CA PHE B 9 28.03 -15.88 -3.01
C PHE B 9 29.26 -16.68 -3.40
N GLU B 10 29.31 -17.11 -4.66
CA GLU B 10 30.41 -17.95 -5.14
C GLU B 10 31.74 -17.24 -4.99
N ARG B 11 31.80 -15.97 -5.38
CA ARG B 11 33.09 -15.26 -5.38
C ARG B 11 33.62 -15.08 -3.96
N GLU B 12 32.76 -14.73 -3.02
CA GLU B 12 33.21 -14.59 -1.63
C GLU B 12 33.72 -15.92 -1.09
N TYR B 13 33.05 -17.03 -1.45
CA TYR B 13 33.50 -18.33 -0.97
C TYR B 13 34.92 -18.64 -1.46
N LYS B 14 35.26 -18.20 -2.68
CA LYS B 14 36.58 -18.48 -3.23
C LYS B 14 37.67 -17.62 -2.60
N TYR B 15 37.41 -16.33 -2.39
CA TYR B 15 38.47 -15.38 -2.08
C TYR B 15 38.42 -14.78 -0.69
N GLY B 16 37.36 -15.00 0.08
CA GLY B 16 37.25 -14.46 1.42
C GLY B 16 37.22 -15.57 2.45
N ALA B 17 37.67 -15.25 3.66
CA ALA B 17 37.60 -16.18 4.78
C ALA B 17 36.17 -16.69 4.98
N HIS B 18 36.03 -17.84 5.60
CA HIS B 18 34.73 -18.46 5.83
C HIS B 18 34.26 -18.23 7.26
N ASN B 19 34.39 -17.01 7.78
CA ASN B 19 34.07 -16.78 9.17
C ASN B 19 32.61 -16.40 9.41
N TYR B 20 31.82 -16.22 8.35
CA TYR B 20 30.39 -15.99 8.44
C TYR B 20 29.62 -16.99 7.59
N HIS B 21 28.35 -17.17 7.96
CA HIS B 21 27.37 -17.87 7.12
C HIS B 21 26.18 -16.94 6.96
N PRO B 22 26.24 -15.99 6.02
CA PRO B 22 25.17 -15.01 5.90
C PRO B 22 23.91 -15.63 5.28
N LEU B 23 22.80 -14.95 5.51
CA LEU B 23 21.56 -15.28 4.81
C LEU B 23 21.79 -15.07 3.34
N PRO B 24 21.34 -15.99 2.48
CA PRO B 24 21.60 -15.85 1.04
C PRO B 24 20.83 -14.72 0.38
N VAL B 25 21.33 -13.49 0.52
CA VAL B 25 20.80 -12.34 -0.19
C VAL B 25 21.97 -11.39 -0.45
N ALA B 26 22.02 -10.80 -1.63
CA ALA B 26 23.17 -9.99 -2.08
C ALA B 26 22.71 -8.57 -2.36
N LEU B 27 22.94 -7.67 -1.40
CA LEU B 27 22.45 -6.30 -1.48
C LEU B 27 23.45 -5.40 -2.20
N GLU B 28 22.92 -4.44 -2.96
CA GLU B 28 23.76 -3.41 -3.56
C GLU B 28 23.29 -1.99 -3.31
N ARG B 29 22.12 -1.79 -2.70
CA ARG B 29 21.62 -0.45 -2.43
C ARG B 29 20.83 -0.42 -1.14
N GLY B 30 20.93 0.69 -0.43
CA GLY B 30 20.10 0.92 0.74
C GLY B 30 19.73 2.37 0.85
N LYS B 31 18.51 2.61 1.34
CA LYS B 31 18.08 3.98 1.61
C LYS B 31 16.95 3.93 2.62
N GLY B 32 17.13 4.62 3.74
CA GLY B 32 16.12 4.59 4.78
C GLY B 32 15.91 3.18 5.29
N ILE B 33 14.66 2.71 5.27
CA ILE B 33 14.32 1.40 5.81
C ILE B 33 14.49 0.28 4.80
N TYR B 34 14.90 0.57 3.58
CA TYR B 34 14.86 -0.40 2.49
C TYR B 34 16.25 -0.82 2.03
N LEU B 35 16.35 -2.06 1.57
CA LEU B 35 17.52 -2.59 0.90
C LEU B 35 17.10 -3.20 -0.44
N TRP B 36 17.99 -3.12 -1.43
CA TRP B 36 17.73 -3.70 -2.73
C TRP B 36 18.85 -4.67 -3.07
N ASP B 37 18.50 -5.85 -3.59
CA ASP B 37 19.53 -6.81 -4.00
C ASP B 37 19.91 -6.59 -5.46
N VAL B 38 20.89 -7.35 -5.94
CA VAL B 38 21.41 -7.12 -7.29
C VAL B 38 20.41 -7.48 -8.38
N GLU B 39 19.35 -8.20 -8.05
CA GLU B 39 18.26 -8.46 -8.99
C GLU B 39 17.20 -7.36 -8.96
N GLY B 40 17.36 -6.34 -8.13
CA GLY B 40 16.41 -5.26 -8.04
C GLY B 40 15.29 -5.46 -7.05
N ARG B 41 15.25 -6.59 -6.34
CA ARG B 41 14.18 -6.84 -5.37
C ARG B 41 14.36 -5.95 -4.14
N LYS B 42 13.25 -5.44 -3.62
CA LYS B 42 13.24 -4.53 -2.49
C LYS B 42 12.84 -5.26 -1.21
N TYR B 43 13.54 -4.96 -0.11
CA TYR B 43 13.31 -5.60 1.17
C TYR B 43 13.21 -4.56 2.29
N PHE B 44 12.36 -4.83 3.27
CA PHE B 44 12.46 -4.17 4.56
C PHE B 44 13.69 -4.68 5.29
N ASP B 45 14.54 -3.75 5.76
CA ASP B 45 15.67 -4.12 6.61
C ASP B 45 15.17 -4.19 8.04
N PHE B 46 15.06 -5.39 8.59
CA PHE B 46 14.63 -5.58 9.97
C PHE B 46 15.77 -6.01 10.87
N LEU B 47 17.00 -5.70 10.48
CA LEU B 47 18.12 -5.82 11.38
C LEU B 47 18.90 -4.54 11.58
N SER B 48 18.89 -3.62 10.62
CA SER B 48 19.56 -2.33 10.74
C SER B 48 21.05 -2.50 11.03
N SER B 49 21.65 -3.53 10.41
CA SER B 49 23.04 -3.89 10.69
C SER B 49 23.26 -4.02 12.19
N TYR B 50 22.36 -4.78 12.82
CA TYR B 50 22.34 -4.98 14.27
C TYR B 50 22.42 -3.64 14.99
N SER B 51 21.63 -2.69 14.50
CA SER B 51 21.36 -1.37 15.09
C SER B 51 22.51 -0.40 14.88
N ALA B 52 23.17 -0.49 13.71
CA ALA B 52 24.14 0.52 13.28
C ALA B 52 23.56 1.52 12.28
N VAL B 53 22.44 1.21 11.62
CA VAL B 53 21.78 2.22 10.79
C VAL B 53 20.45 2.58 11.42
N ASN B 54 20.47 2.98 12.69
CA ASN B 54 19.28 3.51 13.34
C ASN B 54 18.67 4.63 12.52
N GLN B 55 19.51 5.48 11.94
CA GLN B 55 19.08 6.62 11.15
C GLN B 55 18.60 6.23 9.75
N GLY B 56 18.55 4.94 9.45
CA GLY B 56 18.26 4.49 8.11
C GLY B 56 19.50 4.48 7.24
N HIS B 57 19.43 3.71 6.16
CA HIS B 57 20.58 3.60 5.26
C HIS B 57 20.80 4.91 4.52
N CYS B 58 22.05 5.36 4.49
CA CYS B 58 22.47 6.49 3.66
C CYS B 58 21.66 7.76 3.94
N HIS B 59 21.53 8.09 5.22
CA HIS B 59 20.78 9.29 5.59
C HIS B 59 21.44 10.51 4.96
N PRO B 60 20.68 11.35 4.24
CA PRO B 60 21.32 12.42 3.45
C PRO B 60 22.11 13.41 4.28
N LYS B 61 21.72 13.65 5.53
CA LYS B 61 22.48 14.61 6.35
C LYS B 61 23.83 14.04 6.78
N ILE B 62 23.88 12.74 7.09
CA ILE B 62 25.16 12.13 7.43
C ILE B 62 26.02 11.99 6.18
N VAL B 63 25.39 11.65 5.06
CA VAL B 63 26.12 11.57 3.78
C VAL B 63 26.73 12.92 3.44
N ASN B 64 25.97 14.01 3.65
CA ASN B 64 26.48 15.34 3.32
C ASN B 64 27.66 15.73 4.20
N ALA B 65 27.65 15.32 5.47
CA ALA B 65 28.79 15.61 6.34
C ALA B 65 30.03 14.86 5.88
N LEU B 66 29.88 13.61 5.44
CA LEU B 66 31.03 12.86 4.95
C LEU B 66 31.59 13.47 3.68
N LYS B 67 30.70 13.82 2.73
CA LYS B 67 31.16 14.40 1.47
C LYS B 67 31.85 15.74 1.69
N SER B 68 31.37 16.54 2.64
CA SER B 68 31.94 17.86 2.84
C SER B 68 33.33 17.77 3.48
N GLN B 69 33.49 16.89 4.47
CA GLN B 69 34.75 16.78 5.17
C GLN B 69 35.80 16.06 4.35
N VAL B 70 35.39 15.13 3.48
CA VAL B 70 36.39 14.35 2.76
C VAL B 70 37.17 15.21 1.76
N ASP B 71 36.62 16.36 1.38
CA ASP B 71 37.34 17.31 0.52
C ASP B 71 38.35 18.15 1.30
N LYS B 72 38.32 18.14 2.62
CA LYS B 72 39.15 18.99 3.44
C LYS B 72 40.31 18.24 4.06
N LEU B 73 40.02 17.19 4.83
CA LEU B 73 41.02 16.49 5.64
C LEU B 73 40.42 15.21 6.20
N THR B 74 41.11 14.08 6.07
CA THR B 74 40.53 12.85 6.62
C THR B 74 41.34 12.21 7.73
N LEU B 75 42.65 12.41 7.78
CA LEU B 75 43.47 11.75 8.80
C LEU B 75 44.82 12.45 8.92
N THR B 76 45.14 12.91 10.13
CA THR B 76 46.48 13.40 10.43
C THR B 76 47.27 12.46 11.32
N SER B 77 46.63 11.45 11.91
CA SER B 77 47.10 10.73 13.08
C SER B 77 47.06 11.65 14.29
N ARG B 78 47.05 11.07 15.49
CA ARG B 78 47.05 11.84 16.71
C ARG B 78 48.44 12.38 17.07
N ALA B 79 49.40 12.26 16.15
CA ALA B 79 50.64 13.00 16.27
C ALA B 79 50.38 14.51 16.21
N PHE B 80 49.34 14.95 15.52
CA PHE B 80 49.01 16.36 15.45
C PHE B 80 47.55 16.52 15.88
N TYR B 81 47.15 17.77 16.08
CA TYR B 81 45.75 18.09 16.32
C TYR B 81 45.05 18.30 14.99
N ASN B 82 43.82 17.85 14.91
CA ASN B 82 42.92 18.27 13.84
C ASN B 82 41.84 19.15 14.45
N ASN B 83 41.22 19.97 13.62
CA ASN B 83 40.30 20.97 14.12
C ASN B 83 38.92 20.41 14.48
N VAL B 84 38.61 19.19 14.07
CA VAL B 84 37.24 18.68 14.25
C VAL B 84 37.07 17.97 15.58
N LEU B 85 38.10 17.22 16.02
CA LEU B 85 37.95 16.31 17.15
C LEU B 85 37.38 17.02 18.38
N GLY B 86 37.94 18.17 18.74
CA GLY B 86 37.48 18.86 19.93
C GLY B 86 36.04 19.35 19.84
N GLU B 87 35.60 19.72 18.64
CA GLU B 87 34.20 20.12 18.46
C GLU B 87 33.27 18.93 18.72
N TYR B 88 33.64 17.76 18.20
CA TYR B 88 32.88 16.53 18.48
C TYR B 88 32.94 16.16 19.96
N GLU B 89 34.13 16.27 20.57
CA GLU B 89 34.26 15.90 21.98
C GLU B 89 33.39 16.77 22.87
N GLU B 90 33.38 18.09 22.64
CA GLU B 90 32.50 18.96 23.40
C GLU B 90 31.04 18.59 23.18
N TYR B 91 30.66 18.34 21.93
CA TYR B 91 29.27 18.01 21.60
C TYR B 91 28.82 16.74 22.31
N ILE B 92 29.58 15.65 22.19
CA ILE B 92 29.10 14.37 22.71
C ILE B 92 29.17 14.32 24.23
N THR B 93 30.17 14.97 24.85
CA THR B 93 30.25 14.94 26.30
C THR B 93 29.11 15.76 26.93
N LYS B 94 28.70 16.83 26.27
CA LYS B 94 27.58 17.61 26.78
C LYS B 94 26.26 16.89 26.53
N LEU B 95 26.16 16.16 25.43
CA LEU B 95 24.92 15.44 25.13
C LEU B 95 24.65 14.35 26.15
N PHE B 96 25.67 13.61 26.56
CA PHE B 96 25.48 12.52 27.51
C PHE B 96 25.86 12.87 28.94
N ASN B 97 26.38 14.09 29.17
CA ASN B 97 26.68 14.58 30.52
C ASN B 97 27.76 13.74 31.22
N TYR B 98 28.85 13.48 30.49
CA TYR B 98 30.10 12.99 31.06
C TYR B 98 31.18 14.02 30.75
N HIS B 99 32.21 14.06 31.59
CA HIS B 99 33.21 15.11 31.45
C HIS B 99 34.08 14.89 30.21
N LYS B 100 34.38 13.65 29.86
CA LYS B 100 35.34 13.39 28.80
C LYS B 100 34.92 12.21 27.94
N VAL B 101 35.46 12.16 26.72
CA VAL B 101 35.28 11.05 25.80
C VAL B 101 36.65 10.61 25.30
N LEU B 102 36.82 9.30 25.10
CA LEU B 102 38.00 8.77 24.44
C LEU B 102 37.56 8.17 23.11
N PRO B 103 38.01 8.69 21.97
CA PRO B 103 37.48 8.21 20.69
C PRO B 103 38.21 6.97 20.20
N MET B 104 37.46 5.98 19.75
CA MET B 104 38.05 4.82 19.08
C MET B 104 37.24 4.54 17.81
N ASN B 105 37.47 3.39 17.18
CA ASN B 105 36.82 3.09 15.91
C ASN B 105 35.75 2.02 16.01
N THR B 106 36.06 0.85 16.57
CA THR B 106 35.13 -0.26 16.60
C THR B 106 34.61 -0.47 18.02
N GLY B 107 33.50 -1.21 18.11
CA GLY B 107 32.89 -1.46 19.40
C GLY B 107 33.81 -2.21 20.34
N VAL B 108 34.50 -3.23 19.83
CA VAL B 108 35.39 -3.99 20.70
C VAL B 108 36.55 -3.12 21.17
N GLU B 109 37.00 -2.15 20.37
CA GLU B 109 38.06 -1.26 20.82
C GLU B 109 37.59 -0.40 21.98
N ALA B 110 36.31 0.02 21.95
CA ALA B 110 35.75 0.73 23.09
C ALA B 110 35.70 -0.16 24.32
N GLY B 111 35.29 -1.41 24.14
CA GLY B 111 35.30 -2.35 25.26
C GLY B 111 36.70 -2.58 25.80
N GLU B 112 37.70 -2.73 24.92
CA GLU B 112 39.07 -2.92 25.40
C GLU B 112 39.54 -1.70 26.17
N THR B 113 39.24 -0.50 25.65
CA THR B 113 39.60 0.74 26.34
C THR B 113 38.97 0.81 27.71
N ALA B 114 37.70 0.38 27.83
CA ALA B 114 37.04 0.39 29.12
C ALA B 114 37.70 -0.56 30.11
N CYS B 115 38.12 -1.75 29.66
CA CYS B 115 38.82 -2.66 30.56
C CYS B 115 40.16 -2.09 30.99
N LYS B 116 40.87 -1.41 30.09
CA LYS B 116 42.14 -0.80 30.44
C LYS B 116 41.95 0.34 31.45
N LEU B 117 40.89 1.13 31.27
CA LEU B 117 40.57 2.17 32.25
C LEU B 117 40.24 1.56 33.60
N ALA B 118 39.44 0.49 33.61
CA ALA B 118 39.04 -0.12 34.87
C ALA B 118 40.22 -0.67 35.64
N ARG B 119 41.14 -1.33 34.93
CA ARG B 119 42.32 -1.87 35.59
C ARG B 119 43.23 -0.76 36.10
N LYS B 120 43.51 0.24 35.26
CA LYS B 120 44.38 1.34 35.69
C LYS B 120 43.78 2.11 36.86
N TRP B 121 42.48 2.36 36.81
CA TRP B 121 41.81 2.98 37.95
C TRP B 121 41.84 2.06 39.17
N GLY B 122 41.62 0.76 38.97
CA GLY B 122 41.67 -0.18 40.08
C GLY B 122 43.02 -0.19 40.78
N TYR B 123 44.11 -0.14 40.02
CA TYR B 123 45.44 -0.18 40.63
C TYR B 123 45.83 1.15 41.23
N THR B 124 45.58 2.26 40.52
CA THR B 124 46.12 3.56 40.91
C THR B 124 45.17 4.38 41.77
N VAL B 125 43.88 4.07 41.79
CA VAL B 125 42.91 4.80 42.60
C VAL B 125 42.35 3.92 43.70
N LYS B 126 41.85 2.73 43.35
CA LYS B 126 41.25 1.87 44.36
C LYS B 126 42.31 1.23 45.25
N GLY B 127 43.50 0.98 44.72
CA GLY B 127 44.57 0.40 45.50
C GLY B 127 44.77 -1.09 45.36
N ILE B 128 44.08 -1.73 44.41
CA ILE B 128 44.31 -3.14 44.13
C ILE B 128 45.77 -3.35 43.77
N GLN B 129 46.36 -4.43 44.29
CA GLN B 129 47.73 -4.76 43.96
C GLN B 129 47.83 -5.28 42.52
N LYS B 130 48.90 -4.90 41.82
CA LYS B 130 49.20 -5.44 40.51
C LYS B 130 49.68 -6.88 40.63
N TYR B 131 49.09 -7.80 39.85
CA TYR B 131 48.02 -7.53 38.88
C TYR B 131 46.77 -8.36 39.21
N LYS B 132 46.11 -8.02 40.31
CA LYS B 132 45.03 -8.83 40.83
C LYS B 132 43.66 -8.26 40.49
N ALA B 133 43.59 -7.22 39.66
CA ALA B 133 42.31 -6.60 39.36
C ALA B 133 41.45 -7.56 38.56
N LYS B 134 40.17 -7.61 38.93
CA LYS B 134 39.19 -8.45 38.26
C LYS B 134 38.11 -7.59 37.63
N ILE B 135 37.59 -8.05 36.49
CA ILE B 135 36.42 -7.45 35.87
C ILE B 135 35.36 -8.54 35.74
N VAL B 136 34.15 -8.24 36.19
CA VAL B 136 33.04 -9.17 36.18
C VAL B 136 32.18 -8.90 34.94
N PHE B 137 31.74 -9.97 34.28
CA PHE B 137 30.86 -9.90 33.12
C PHE B 137 29.64 -10.77 33.40
N ALA B 138 28.61 -10.60 32.57
CA ALA B 138 27.40 -11.41 32.66
C ALA B 138 27.41 -12.49 31.59
N ALA B 139 26.99 -13.70 31.97
CA ALA B 139 26.81 -14.77 30.99
C ALA B 139 25.90 -14.30 29.86
N GLY B 140 26.27 -14.68 28.63
CA GLY B 140 25.56 -14.23 27.44
C GLY B 140 26.11 -12.96 26.84
N ASN B 141 27.11 -12.33 27.47
CA ASN B 141 27.64 -11.08 26.98
C ASN B 141 28.29 -11.25 25.62
N PHE B 142 28.22 -10.19 24.81
CA PHE B 142 28.98 -10.11 23.59
C PHE B 142 29.54 -8.69 23.49
N TRP B 143 30.86 -8.56 23.38
CA TRP B 143 31.39 -7.24 23.11
C TRP B 143 32.50 -7.25 22.07
N GLY B 144 32.58 -8.30 21.25
CA GLY B 144 33.51 -8.28 20.14
C GLY B 144 34.28 -9.57 20.07
N ARG B 145 35.36 -9.54 19.28
CA ARG B 145 36.05 -10.76 18.84
C ARG B 145 37.56 -10.76 19.09
N THR B 146 38.09 -9.77 19.80
CA THR B 146 39.48 -9.87 20.22
C THR B 146 39.65 -11.03 21.19
N LEU B 147 40.92 -11.37 21.46
CA LEU B 147 41.20 -12.44 22.42
C LEU B 147 40.66 -12.09 23.80
N SER B 148 40.72 -10.81 24.19
CA SER B 148 40.17 -10.39 25.47
C SER B 148 38.64 -10.53 25.48
N ALA B 149 37.97 -10.11 24.40
CA ALA B 149 36.51 -10.14 24.40
C ALA B 149 35.99 -11.57 24.44
N ILE B 150 36.63 -12.49 23.71
CA ILE B 150 36.14 -13.87 23.76
C ILE B 150 36.50 -14.55 25.07
N SER B 151 37.49 -14.02 25.80
CA SER B 151 37.87 -14.59 27.09
C SER B 151 36.78 -14.43 28.15
N SER B 152 35.84 -13.49 27.95
CA SER B 152 34.74 -13.30 28.88
C SER B 152 33.44 -13.92 28.38
N SER B 153 33.45 -14.49 27.18
CA SER B 153 32.22 -15.02 26.57
C SER B 153 31.87 -16.38 27.16
N THR B 154 30.57 -16.66 27.25
CA THR B 154 30.13 -18.00 27.61
C THR B 154 29.71 -18.81 26.39
N ASP B 155 29.89 -18.25 25.19
CA ASP B 155 29.56 -18.94 23.94
C ASP B 155 30.79 -19.72 23.47
N PRO B 156 30.78 -21.06 23.53
CA PRO B 156 31.95 -21.82 23.08
C PRO B 156 32.35 -21.56 21.64
N THR B 157 31.43 -21.20 20.76
CA THR B 157 31.83 -20.89 19.40
C THR B 157 32.75 -19.68 19.37
N SER B 158 32.64 -18.79 20.36
CA SER B 158 33.49 -17.62 20.43
C SER B 158 34.90 -17.93 20.92
N TYR B 159 35.05 -18.81 21.92
CA TYR B 159 36.36 -18.95 22.56
C TYR B 159 37.04 -20.30 22.36
N ASP B 160 36.28 -21.36 22.05
CA ASP B 160 36.87 -22.69 21.95
C ASP B 160 37.93 -22.70 20.86
N GLY B 161 39.14 -23.17 21.20
CA GLY B 161 40.23 -23.24 20.26
C GLY B 161 41.02 -21.96 20.06
N PHE B 162 40.73 -20.91 20.84
CA PHE B 162 41.44 -19.63 20.70
C PHE B 162 42.23 -19.24 21.93
N GLY B 163 42.30 -20.11 22.95
CA GLY B 163 43.03 -19.80 24.16
C GLY B 163 44.54 -19.99 23.99
N PRO B 164 45.29 -19.79 25.09
CA PRO B 164 44.85 -19.51 26.46
C PRO B 164 44.22 -18.13 26.59
N PHE B 165 43.51 -17.90 27.70
CA PHE B 165 42.58 -16.79 27.79
C PHE B 165 43.07 -15.71 28.74
N MET B 166 42.54 -14.51 28.52
CA MET B 166 42.89 -13.37 29.34
C MET B 166 42.48 -13.63 30.79
N PRO B 167 43.40 -13.55 31.74
CA PRO B 167 43.02 -13.75 33.15
C PRO B 167 42.37 -12.50 33.73
N GLY B 168 41.69 -12.71 34.85
CA GLY B 168 41.06 -11.64 35.59
C GLY B 168 39.66 -11.30 35.16
N PHE B 169 39.01 -12.16 34.37
CA PHE B 169 37.65 -11.95 33.91
C PHE B 169 36.76 -13.00 34.59
N ASP B 170 35.84 -12.56 35.44
CA ASP B 170 34.89 -13.46 36.08
C ASP B 170 33.50 -13.30 35.45
N ILE B 171 32.71 -14.37 35.48
CA ILE B 171 31.40 -14.39 34.84
C ILE B 171 30.35 -14.79 35.88
N ILE B 172 29.25 -14.06 35.88
CA ILE B 172 28.08 -14.34 36.71
C ILE B 172 26.84 -14.36 35.80
N PRO B 173 25.73 -14.93 36.26
CA PRO B 173 24.51 -14.86 35.44
C PRO B 173 24.05 -13.43 35.23
N TYR B 174 23.44 -13.19 34.08
CA TYR B 174 22.73 -11.94 33.78
C TYR B 174 21.49 -11.83 34.66
N ASN B 175 21.03 -10.59 34.85
CA ASN B 175 19.71 -10.36 35.45
C ASN B 175 19.62 -10.98 36.84
N ASP B 176 20.71 -10.88 37.60
CA ASP B 176 20.85 -11.61 38.87
C ASP B 176 21.57 -10.71 39.86
N LEU B 177 20.80 -9.97 40.67
CA LEU B 177 21.41 -9.07 41.65
C LEU B 177 22.07 -9.82 42.81
N PRO B 178 21.43 -10.86 43.38
CA PRO B 178 22.16 -11.66 44.38
C PRO B 178 23.50 -12.18 43.90
N ALA B 179 23.61 -12.56 42.62
CA ALA B 179 24.89 -13.04 42.12
C ALA B 179 25.92 -11.91 42.03
N LEU B 180 25.48 -10.72 41.66
CA LEU B 180 26.40 -9.59 41.60
C LEU B 180 26.86 -9.20 42.99
N GLU B 181 25.94 -9.19 43.96
CA GLU B 181 26.32 -8.87 45.33
C GLU B 181 27.34 -9.87 45.85
N ARG B 182 27.14 -11.17 45.57
CA ARG B 182 28.09 -12.19 45.99
C ARG B 182 29.45 -11.97 45.33
N ALA B 183 29.44 -11.70 44.02
CA ALA B 183 30.69 -11.48 43.30
C ALA B 183 31.45 -10.27 43.82
N LEU B 184 30.72 -9.21 44.20
CA LEU B 184 31.39 -7.97 44.58
C LEU B 184 31.88 -7.98 46.03
N GLN B 185 31.76 -9.11 46.74
CA GLN B 185 32.44 -9.23 48.03
C GLN B 185 33.94 -9.28 47.87
N ASP B 186 34.43 -9.62 46.67
CA ASP B 186 35.85 -9.67 46.38
C ASP B 186 36.39 -8.25 46.22
N PRO B 187 37.27 -7.78 47.10
CA PRO B 187 37.74 -6.39 47.00
C PRO B 187 38.66 -6.14 45.82
N ASN B 188 39.11 -7.17 45.10
CA ASN B 188 39.94 -6.99 43.92
C ASN B 188 39.12 -6.79 42.65
N VAL B 189 37.80 -6.72 42.73
CA VAL B 189 36.98 -6.43 41.56
C VAL B 189 37.05 -4.93 41.28
N ALA B 190 37.45 -4.58 40.06
CA ALA B 190 37.51 -3.16 39.69
C ALA B 190 36.28 -2.70 38.95
N ALA B 191 35.59 -3.58 38.24
CA ALA B 191 34.50 -3.16 37.37
C ALA B 191 33.55 -4.32 37.11
N PHE B 192 32.31 -3.96 36.77
CA PHE B 192 31.30 -4.87 36.23
C PHE B 192 30.83 -4.30 34.90
N MET B 193 31.00 -5.06 33.83
CA MET B 193 30.59 -4.63 32.50
C MET B 193 29.35 -5.40 32.08
N VAL B 194 28.35 -4.69 31.56
CA VAL B 194 27.06 -5.31 31.30
C VAL B 194 26.33 -4.53 30.23
N GLU B 195 25.58 -5.25 29.39
CA GLU B 195 24.65 -4.69 28.43
C GLU B 195 23.30 -4.48 29.10
N PRO B 196 22.70 -3.29 28.97
CA PRO B 196 21.36 -3.08 29.58
C PRO B 196 20.30 -4.00 29.01
N ILE B 197 20.44 -4.37 27.74
CA ILE B 197 19.71 -5.47 27.11
C ILE B 197 20.75 -6.23 26.30
N GLN B 198 20.83 -7.55 26.49
CA GLN B 198 21.82 -8.34 25.76
C GLN B 198 21.36 -8.54 24.32
N GLY B 199 22.15 -8.04 23.36
CA GLY B 199 21.76 -8.08 21.97
C GLY B 199 22.03 -9.41 21.30
N GLU B 200 23.30 -9.75 21.14
CA GLU B 200 23.69 -10.99 20.46
C GLU B 200 23.12 -12.22 21.14
N ALA B 201 22.87 -12.13 22.46
CA ALA B 201 22.32 -13.27 23.17
C ALA B 201 20.86 -13.53 22.79
N GLY B 202 20.19 -12.56 22.17
CA GLY B 202 18.82 -12.75 21.72
C GLY B 202 17.85 -11.74 22.29
N VAL B 203 18.28 -10.48 22.45
CA VAL B 203 17.47 -9.43 23.04
C VAL B 203 16.95 -9.92 24.40
N VAL B 204 17.87 -10.22 25.30
CA VAL B 204 17.54 -10.67 26.64
C VAL B 204 17.33 -9.42 27.49
N VAL B 205 16.09 -9.18 27.89
CA VAL B 205 15.72 -7.98 28.63
C VAL B 205 15.71 -8.33 30.12
N PRO B 206 16.52 -7.67 30.95
CA PRO B 206 16.51 -7.97 32.38
C PRO B 206 15.26 -7.43 33.04
N ASP B 207 14.99 -7.93 34.23
CA ASP B 207 13.76 -7.56 34.94
C ASP B 207 13.83 -6.10 35.38
N PRO B 208 12.67 -5.44 35.52
CA PRO B 208 12.66 -4.08 36.06
C PRO B 208 13.39 -4.02 37.39
N GLY B 209 14.18 -2.96 37.57
CA GLY B 209 14.95 -2.78 38.78
C GLY B 209 16.36 -3.35 38.72
N TYR B 210 16.69 -4.12 37.70
CA TYR B 210 18.02 -4.74 37.64
C TYR B 210 19.11 -3.69 37.48
N LEU B 211 18.94 -2.78 36.53
CA LEU B 211 19.92 -1.72 36.32
C LEU B 211 20.05 -0.83 37.56
N MET B 212 18.93 -0.53 38.22
CA MET B 212 19.00 0.21 39.47
C MET B 212 19.82 -0.55 40.51
N GLY B 213 19.59 -1.86 40.60
CA GLY B 213 20.32 -2.68 41.56
C GLY B 213 21.79 -2.77 41.23
N VAL B 214 22.13 -2.86 39.95
CA VAL B 214 23.53 -2.89 39.54
C VAL B 214 24.23 -1.61 39.97
N ARG B 215 23.61 -0.46 39.69
CA ARG B 215 24.19 0.83 40.05
C ARG B 215 24.43 0.93 41.55
N GLU B 216 23.45 0.51 42.36
CA GLU B 216 23.60 0.60 43.81
C GLU B 216 24.71 -0.31 44.31
N LEU B 217 24.73 -1.55 43.82
CA LEU B 217 25.73 -2.51 44.26
C LEU B 217 27.13 -2.06 43.88
N CYS B 218 27.30 -1.51 42.67
CA CYS B 218 28.62 -1.10 42.24
C CYS B 218 29.13 0.05 43.11
N THR B 219 28.28 1.04 43.35
CA THR B 219 28.67 2.17 44.18
C THR B 219 29.01 1.73 45.59
N ARG B 220 28.20 0.85 46.18
CA ARG B 220 28.44 0.44 47.55
C ARG B 220 29.77 -0.30 47.72
N HIS B 221 30.24 -0.98 46.68
CA HIS B 221 31.48 -1.73 46.75
C HIS B 221 32.64 -1.06 46.01
N GLN B 222 32.48 0.21 45.61
CA GLN B 222 33.53 0.95 44.92
C GLN B 222 34.01 0.19 43.67
N VAL B 223 33.03 -0.19 42.84
CA VAL B 223 33.25 -0.92 41.61
C VAL B 223 32.71 -0.08 40.45
N LEU B 224 33.46 -0.03 39.35
CA LEU B 224 33.01 0.73 38.18
C LEU B 224 31.90 -0.01 37.45
N PHE B 225 30.80 0.69 37.21
CA PHE B 225 29.67 0.17 36.43
C PHE B 225 29.89 0.59 34.98
N ILE B 226 30.28 -0.36 34.14
CA ILE B 226 30.50 -0.13 32.71
C ILE B 226 29.25 -0.59 31.97
N ALA B 227 28.57 0.33 31.30
CA ALA B 227 27.38 0.01 30.53
C ALA B 227 27.75 -0.03 29.06
N ASP B 228 27.62 -1.21 28.46
CA ASP B 228 27.85 -1.38 27.03
C ASP B 228 26.56 -1.02 26.30
N GLU B 229 26.50 0.19 25.76
CA GLU B 229 25.34 0.63 24.97
C GLU B 229 25.67 0.72 23.49
N ILE B 230 26.60 -0.11 23.02
CA ILE B 230 27.01 -0.09 21.62
C ILE B 230 25.85 -0.54 20.72
N GLN B 231 25.03 -1.47 21.19
CA GLN B 231 23.84 -1.89 20.43
C GLN B 231 22.54 -1.26 20.95
N THR B 232 22.42 -1.04 22.26
CA THR B 232 21.18 -0.52 22.85
C THR B 232 21.08 0.99 22.87
N GLY B 233 22.19 1.72 22.73
CA GLY B 233 22.15 3.15 22.86
C GLY B 233 21.58 3.85 21.64
N LEU B 234 21.60 5.17 21.69
CA LEU B 234 21.32 6.02 20.53
C LEU B 234 19.92 5.76 19.98
N ALA B 235 18.93 5.78 20.86
CA ALA B 235 17.49 5.80 20.60
C ALA B 235 16.89 4.45 20.23
N ARG B 236 17.70 3.38 20.08
CA ARG B 236 17.17 2.11 19.57
C ARG B 236 16.08 1.54 20.48
N THR B 237 16.25 1.63 21.80
CA THR B 237 15.29 1.06 22.74
C THR B 237 14.20 2.04 23.15
N GLY B 238 14.20 3.27 22.61
CA GLY B 238 13.20 4.25 22.95
C GLY B 238 13.67 5.34 23.89
N ARG B 239 14.92 5.33 24.31
CA ARG B 239 15.52 6.43 25.06
C ARG B 239 16.91 6.66 24.48
N TRP B 240 17.52 7.79 24.83
CA TRP B 240 18.89 8.06 24.38
C TRP B 240 19.80 6.89 24.76
N LEU B 241 19.69 6.41 25.99
CA LEU B 241 20.39 5.22 26.44
C LEU B 241 19.39 4.29 27.10
N ALA B 242 19.59 2.99 26.91
CA ALA B 242 18.70 2.01 27.54
C ALA B 242 18.69 2.16 29.06
N VAL B 243 19.82 2.58 29.66
CA VAL B 243 19.84 2.79 31.10
C VAL B 243 18.95 3.94 31.53
N ASP B 244 18.56 4.83 30.62
CA ASP B 244 17.69 5.94 30.98
C ASP B 244 16.32 5.48 31.46
N TYR B 245 15.89 4.28 31.06
CA TYR B 245 14.61 3.76 31.54
C TYR B 245 14.56 3.67 33.06
N GLU B 246 15.70 3.43 33.71
CA GLU B 246 15.74 3.31 35.17
C GLU B 246 16.47 4.48 35.83
N ASN B 247 16.72 5.56 35.08
CA ASN B 247 17.35 6.76 35.63
C ASN B 247 18.72 6.45 36.26
N VAL B 248 19.51 5.65 35.55
CA VAL B 248 20.75 5.12 36.09
C VAL B 248 21.92 5.74 35.33
N ARG B 249 22.93 6.18 36.06
CA ARG B 249 24.13 6.78 35.47
C ARG B 249 25.32 5.85 35.66
N PRO B 250 25.73 5.11 34.63
CA PRO B 250 26.92 4.25 34.75
C PRO B 250 28.18 5.09 34.93
N ASP B 251 29.25 4.41 35.32
CA ASP B 251 30.55 5.07 35.44
C ASP B 251 31.25 5.20 34.09
N ILE B 252 31.08 4.22 33.20
CA ILE B 252 31.61 4.27 31.85
C ILE B 252 30.49 3.84 30.92
N VAL B 253 30.26 4.61 29.86
CA VAL B 253 29.29 4.26 28.82
C VAL B 253 30.05 4.05 27.52
N LEU B 254 29.77 2.92 26.87
CA LEU B 254 30.36 2.62 25.57
C LEU B 254 29.32 2.86 24.49
N LEU B 255 29.73 3.53 23.41
CA LEU B 255 28.89 3.74 22.25
C LEU B 255 29.61 3.26 20.99
N GLY B 256 28.82 2.92 19.98
CA GLY B 256 29.37 2.53 18.70
C GLY B 256 28.27 2.43 17.65
N LYS B 257 28.45 1.52 16.69
CA LYS B 257 27.45 1.17 15.69
C LYS B 257 26.77 2.40 15.10
N ALA B 258 25.58 2.78 15.60
CA ALA B 258 24.81 3.90 15.06
C ALA B 258 25.45 5.26 15.36
N LEU B 259 26.55 5.30 16.11
CA LEU B 259 27.25 6.55 16.34
C LEU B 259 27.66 7.21 15.03
N SER B 260 27.74 6.45 13.95
CA SER B 260 28.09 6.96 12.63
C SER B 260 26.96 6.87 11.61
N GLY B 261 25.80 6.33 12.00
CA GLY B 261 24.77 6.05 11.01
C GLY B 261 25.17 4.99 10.01
N GLY B 262 26.22 4.22 10.31
CA GLY B 262 26.70 3.21 9.39
C GLY B 262 27.69 3.69 8.35
N LEU B 263 28.06 4.97 8.36
CA LEU B 263 28.94 5.52 7.33
C LEU B 263 30.43 5.40 7.66
N TYR B 264 30.80 5.05 8.88
CA TYR B 264 32.19 5.10 9.30
C TYR B 264 32.34 4.36 10.62
N PRO B 265 33.42 3.61 10.85
CA PRO B 265 33.58 2.97 12.17
C PRO B 265 33.98 3.98 13.24
N VAL B 266 33.02 4.38 14.08
CA VAL B 266 33.26 5.33 15.16
C VAL B 266 32.74 4.72 16.45
N SER B 267 33.57 4.70 17.48
CA SER B 267 33.10 4.27 18.78
C SER B 267 33.61 5.25 19.84
N ALA B 268 33.02 5.18 21.03
CA ALA B 268 33.29 6.20 22.05
C ALA B 268 33.27 5.57 23.44
N VAL B 269 34.15 6.08 24.30
CA VAL B 269 34.20 5.72 25.72
C VAL B 269 33.96 7.00 26.51
N LEU B 270 32.85 7.06 27.24
CA LEU B 270 32.46 8.24 28.01
C LEU B 270 32.62 7.96 29.50
N CYS B 271 33.28 8.87 30.22
CA CYS B 271 33.31 8.82 31.68
C CYS B 271 33.89 10.14 32.19
N ASP B 272 33.86 10.29 33.52
CA ASP B 272 34.31 11.52 34.17
C ASP B 272 35.82 11.49 34.40
N ASP B 273 36.36 12.64 34.83
CA ASP B 273 37.81 12.81 34.93
C ASP B 273 38.45 11.79 35.86
N ASP B 274 37.78 11.43 36.96
CA ASP B 274 38.44 10.59 37.95
C ASP B 274 38.79 9.22 37.39
N ILE B 275 38.05 8.77 36.38
CA ILE B 275 38.38 7.53 35.69
C ILE B 275 39.24 7.80 34.46
N MET B 276 38.79 8.72 33.60
CA MET B 276 39.43 8.92 32.29
C MET B 276 40.90 9.27 32.43
N LEU B 277 41.24 10.10 33.38
CA LEU B 277 42.58 10.64 33.47
C LEU B 277 43.56 9.70 34.18
N THR B 278 43.16 8.47 34.49
CA THR B 278 44.14 7.48 34.93
C THR B 278 45.05 7.05 33.80
N ILE B 279 44.61 7.18 32.55
CA ILE B 279 45.47 6.91 31.39
C ILE B 279 46.20 8.19 31.04
N LYS B 280 47.52 8.16 31.08
CA LYS B 280 48.35 9.32 30.85
C LYS B 280 48.80 9.38 29.39
N PRO B 281 49.33 10.52 28.95
CA PRO B 281 49.76 10.63 27.53
C PRO B 281 50.76 9.55 27.15
N GLY B 282 50.53 8.94 25.99
CA GLY B 282 51.38 7.89 25.48
C GLY B 282 50.99 6.48 25.88
N GLU B 283 49.90 6.30 26.63
CA GLU B 283 49.56 5.01 27.19
C GLU B 283 48.38 4.31 26.52
N HIS B 284 47.71 4.96 25.56
CA HIS B 284 46.61 4.31 24.85
C HIS B 284 46.28 5.13 23.61
N GLY B 285 45.73 4.48 22.60
CA GLY B 285 45.30 5.21 21.42
C GLY B 285 45.05 4.27 20.25
N SER B 286 45.13 4.85 19.05
CA SER B 286 44.68 4.19 17.84
C SER B 286 44.99 5.06 16.63
N THR B 287 45.35 4.45 15.49
CA THR B 287 45.64 5.21 14.28
C THR B 287 44.46 6.09 13.88
N TYR B 288 43.30 5.47 13.65
CA TYR B 288 42.14 6.20 13.14
C TYR B 288 41.26 6.80 14.23
N GLY B 289 41.50 6.50 15.50
CA GLY B 289 40.66 7.04 16.55
C GLY B 289 40.65 8.56 16.58
N GLY B 290 39.46 9.16 16.48
CA GLY B 290 39.31 10.59 16.54
C GLY B 290 39.67 11.35 15.28
N ASN B 291 39.78 10.66 14.14
CA ASN B 291 40.09 11.34 12.89
C ASN B 291 38.95 12.29 12.52
N PRO B 292 39.25 13.35 11.76
CA PRO B 292 38.22 14.39 11.53
C PRO B 292 37.06 13.92 10.67
N LEU B 293 37.27 12.95 9.78
CA LEU B 293 36.16 12.50 8.94
C LEU B 293 35.12 11.74 9.76
N GLY B 294 35.57 10.78 10.57
CA GLY B 294 34.64 10.08 11.45
C GLY B 294 33.94 11.02 12.41
N CYS B 295 34.65 12.05 12.87
CA CYS B 295 34.08 13.00 13.83
C CYS B 295 32.96 13.82 13.19
N ARG B 296 33.15 14.27 11.95
CA ARG B 296 32.09 15.01 11.27
C ARG B 296 30.86 14.13 11.04
N VAL B 297 31.10 12.86 10.70
CA VAL B 297 30.00 11.91 10.49
C VAL B 297 29.23 11.70 11.79
N ALA B 298 29.95 11.52 12.90
CA ALA B 298 29.29 11.22 14.17
C ALA B 298 28.48 12.40 14.67
N ILE B 299 29.01 13.64 14.53
CA ILE B 299 28.21 14.81 14.90
C ILE B 299 26.89 14.80 14.16
N ALA B 300 26.94 14.62 12.84
CA ALA B 300 25.73 14.61 12.03
C ALA B 300 24.81 13.45 12.42
N ALA B 301 25.39 12.27 12.66
CA ALA B 301 24.58 11.11 13.03
C ALA B 301 23.86 11.33 14.36
N LEU B 302 24.54 11.92 15.33
CA LEU B 302 23.88 12.23 16.59
C LEU B 302 22.80 13.29 16.41
N GLU B 303 23.06 14.28 15.56
CA GLU B 303 22.07 15.34 15.35
C GLU B 303 20.79 14.78 14.74
N VAL B 304 20.91 13.81 13.84
CA VAL B 304 19.73 13.19 13.23
C VAL B 304 18.86 12.53 14.29
N LEU B 305 19.49 11.75 15.19
CA LEU B 305 18.73 11.10 16.26
C LEU B 305 17.98 12.11 17.10
N GLU B 306 18.62 13.24 17.40
CA GLU B 306 17.99 14.26 18.23
C GLU B 306 16.89 15.00 17.47
N GLU B 307 17.23 15.51 16.27
CA GLU B 307 16.32 16.41 15.57
C GLU B 307 15.08 15.70 15.04
N GLU B 308 15.22 14.43 14.64
CA GLU B 308 14.07 13.67 14.13
C GLU B 308 13.32 12.92 15.22
N ASN B 309 13.72 13.10 16.49
CA ASN B 309 12.98 12.54 17.62
C ASN B 309 12.82 11.03 17.48
N LEU B 310 13.91 10.35 17.13
CA LEU B 310 13.79 8.94 16.80
C LEU B 310 13.56 8.06 18.02
N ALA B 311 13.98 8.50 19.22
CA ALA B 311 13.73 7.69 20.40
C ALA B 311 12.24 7.61 20.73
N GLU B 312 11.52 8.74 20.63
CA GLU B 312 10.08 8.68 20.81
C GLU B 312 9.41 7.82 19.75
N ASN B 313 9.87 7.91 18.50
CA ASN B 313 9.30 7.07 17.46
C ASN B 313 9.54 5.59 17.76
N ALA B 314 10.75 5.23 18.21
CA ALA B 314 11.06 3.84 18.50
C ALA B 314 10.25 3.31 19.67
N ASP B 315 10.01 4.16 20.68
CA ASP B 315 9.17 3.75 21.80
C ASP B 315 7.74 3.49 21.34
N LYS B 316 7.15 4.45 20.63
CA LYS B 316 5.77 4.32 20.20
C LYS B 316 5.59 3.12 19.26
N LEU B 317 6.46 3.00 18.25
CA LEU B 317 6.30 1.94 17.27
C LEU B 317 6.69 0.57 17.82
N GLY B 318 7.60 0.52 18.79
CA GLY B 318 7.91 -0.75 19.41
C GLY B 318 6.75 -1.33 20.18
N ILE B 319 5.94 -0.47 20.81
CA ILE B 319 4.72 -0.93 21.47
C ILE B 319 3.79 -1.60 20.47
N ILE B 320 3.62 -0.98 19.30
CA ILE B 320 2.78 -1.57 18.25
C ILE B 320 3.35 -2.90 17.79
N LEU B 321 4.66 -2.93 17.53
CA LEU B 321 5.30 -4.14 17.00
C LEU B 321 5.10 -5.31 17.95
N ARG B 322 5.38 -5.11 19.23
CA ARG B 322 5.29 -6.23 20.18
C ARG B 322 3.84 -6.65 20.39
N ASN B 323 2.92 -5.68 20.42
CA ASN B 323 1.50 -6.03 20.57
C ASN B 323 1.02 -6.90 19.42
N GLU B 324 1.43 -6.58 18.19
CA GLU B 324 1.01 -7.38 17.04
C GLU B 324 1.72 -8.72 16.99
N LEU B 325 3.00 -8.76 17.38
CA LEU B 325 3.73 -10.03 17.39
C LEU B 325 3.14 -11.00 18.41
N MET B 326 2.61 -10.49 19.53
CA MET B 326 2.03 -11.37 20.52
C MET B 326 0.72 -12.02 20.06
N LYS B 327 0.17 -11.58 18.92
CA LYS B 327 -1.00 -12.23 18.36
C LYS B 327 -0.66 -13.47 17.56
N LEU B 328 0.62 -13.77 17.35
CA LEU B 328 1.01 -14.94 16.58
C LEU B 328 0.76 -16.21 17.38
N PRO B 329 0.51 -17.34 16.70
CA PRO B 329 0.15 -18.57 17.42
C PRO B 329 1.29 -19.05 18.32
N SER B 330 0.92 -19.45 19.53
CA SER B 330 1.90 -19.94 20.49
C SER B 330 2.59 -21.21 20.02
N ASP B 331 1.91 -22.03 19.21
CA ASP B 331 2.53 -23.24 18.68
C ASP B 331 3.73 -22.93 17.82
N VAL B 332 3.82 -21.70 17.32
CA VAL B 332 4.86 -21.30 16.39
C VAL B 332 5.84 -20.32 17.04
N VAL B 333 5.32 -19.31 17.74
CA VAL B 333 6.11 -18.26 18.36
C VAL B 333 5.97 -18.40 19.88
N THR B 334 7.06 -18.78 20.55
CA THR B 334 7.00 -19.10 21.96
C THR B 334 7.26 -17.91 22.86
N ALA B 335 7.80 -16.81 22.32
CA ALA B 335 8.11 -15.65 23.14
C ALA B 335 8.26 -14.44 22.24
N VAL B 336 7.86 -13.29 22.77
CA VAL B 336 8.10 -11.98 22.15
C VAL B 336 8.74 -11.11 23.23
N ARG B 337 9.82 -10.42 22.89
CA ARG B 337 10.46 -9.58 23.88
C ARG B 337 11.17 -8.41 23.22
N GLY B 338 11.51 -7.42 24.03
CA GLY B 338 12.22 -6.25 23.55
C GLY B 338 11.79 -4.95 24.19
N LYS B 339 12.54 -3.89 23.90
CA LYS B 339 12.19 -2.52 24.26
C LYS B 339 12.39 -1.64 23.03
N GLY B 340 11.51 -0.67 22.86
CA GLY B 340 11.60 0.19 21.68
C GLY B 340 11.58 -0.64 20.41
N LEU B 341 12.50 -0.35 19.50
CA LEU B 341 12.61 -1.10 18.25
C LEU B 341 13.74 -2.12 18.29
N LEU B 342 14.14 -2.57 19.48
CA LEU B 342 15.02 -3.72 19.64
C LEU B 342 14.16 -4.87 20.15
N ASN B 343 13.74 -5.77 19.26
CA ASN B 343 12.81 -6.83 19.60
C ASN B 343 13.27 -8.17 19.03
N ALA B 344 12.67 -9.24 19.54
CA ALA B 344 12.96 -10.59 19.06
C ALA B 344 11.77 -11.49 19.33
N ILE B 345 11.62 -12.51 18.47
CA ILE B 345 10.69 -13.59 18.72
C ILE B 345 11.47 -14.89 18.78
N VAL B 346 10.88 -15.86 19.47
CA VAL B 346 11.49 -17.18 19.63
C VAL B 346 10.58 -18.19 18.93
N ILE B 347 11.20 -19.00 18.07
CA ILE B 347 10.49 -19.93 17.19
C ILE B 347 10.62 -21.34 17.76
N LYS B 348 9.49 -22.04 17.89
CA LYS B 348 9.51 -23.41 18.40
C LYS B 348 10.10 -24.35 17.36
N GLU B 349 11.40 -24.62 17.47
CA GLU B 349 12.07 -25.45 16.49
C GLU B 349 11.55 -26.88 16.52
N THR B 350 11.34 -27.45 15.34
CA THR B 350 10.92 -28.83 15.18
C THR B 350 12.13 -29.66 14.74
N LYS B 351 11.86 -30.85 14.21
CA LYS B 351 12.87 -31.56 13.45
C LYS B 351 13.18 -30.84 12.15
N ASP B 352 12.17 -30.17 11.58
CA ASP B 352 12.28 -29.55 10.27
C ASP B 352 12.29 -28.03 10.35
N TRP B 353 11.21 -27.45 10.86
CA TRP B 353 10.97 -26.02 10.75
C TRP B 353 11.71 -25.29 11.87
N ASP B 354 12.46 -24.25 11.50
CA ASP B 354 13.31 -23.55 12.46
C ASP B 354 13.42 -22.08 12.06
N ALA B 355 14.20 -21.33 12.84
CA ALA B 355 14.32 -19.89 12.62
C ALA B 355 15.02 -19.56 11.31
N TRP B 356 16.00 -20.38 10.90
CA TRP B 356 16.66 -20.15 9.62
C TRP B 356 15.66 -20.24 8.46
N LYS B 357 14.81 -21.26 8.47
CA LYS B 357 13.82 -21.41 7.42
C LYS B 357 12.82 -20.27 7.44
N VAL B 358 12.43 -19.80 8.63
CA VAL B 358 11.55 -18.64 8.72
C VAL B 358 12.20 -17.43 8.07
N CYS B 359 13.49 -17.21 8.33
CA CYS B 359 14.17 -16.04 7.76
C CYS B 359 14.36 -16.18 6.24
N LEU B 360 14.55 -17.40 5.74
CA LEU B 360 14.57 -17.57 4.30
C LEU B 360 13.24 -17.20 3.67
N ARG B 361 12.13 -17.54 4.35
CA ARG B 361 10.82 -17.23 3.80
C ARG B 361 10.43 -15.77 4.04
N LEU B 362 10.85 -15.20 5.16
CA LEU B 362 10.72 -13.74 5.32
C LEU B 362 11.41 -13.02 4.16
N ARG B 363 12.63 -13.45 3.84
CA ARG B 363 13.37 -12.89 2.71
C ARG B 363 12.56 -13.04 1.41
N ASP B 364 12.01 -14.23 1.17
CA ASP B 364 11.19 -14.44 -0.03
C ASP B 364 10.04 -13.45 -0.10
N ASN B 365 9.47 -13.09 1.05
CA ASN B 365 8.31 -12.21 1.12
C ASN B 365 8.68 -10.76 1.33
N GLY B 366 9.96 -10.39 1.23
CA GLY B 366 10.36 -9.00 1.21
C GLY B 366 10.81 -8.39 2.52
N LEU B 367 11.20 -9.20 3.51
CA LEU B 367 11.69 -8.67 4.78
C LEU B 367 12.94 -9.43 5.20
N LEU B 368 13.95 -8.70 5.65
CA LEU B 368 15.26 -9.28 5.95
C LEU B 368 15.51 -9.33 7.45
N ALA B 369 15.72 -10.52 7.97
CA ALA B 369 16.15 -10.74 9.35
C ALA B 369 17.00 -11.99 9.38
N LYS B 370 17.55 -12.29 10.55
CA LYS B 370 18.36 -13.50 10.67
C LYS B 370 18.32 -14.04 12.08
N PRO B 371 18.43 -15.35 12.26
CA PRO B 371 18.45 -15.91 13.61
C PRO B 371 19.78 -15.69 14.32
N THR B 372 19.70 -15.69 15.65
CA THR B 372 20.87 -15.75 16.50
C THR B 372 20.66 -16.87 17.51
N HIS B 373 21.75 -17.58 17.83
CA HIS B 373 21.72 -18.74 18.71
C HIS B 373 20.61 -19.72 18.31
N GLY B 374 20.47 -19.94 17.01
CA GLY B 374 19.57 -20.97 16.52
C GLY B 374 18.12 -20.58 16.31
N ASP B 375 17.39 -20.25 17.37
CA ASP B 375 15.94 -20.16 17.32
C ASP B 375 15.38 -18.77 17.60
N ILE B 376 16.22 -17.75 17.67
CA ILE B 376 15.77 -16.40 18.04
C ILE B 376 15.91 -15.49 16.83
N ILE B 377 14.80 -14.91 16.38
CA ILE B 377 14.79 -13.97 15.26
C ILE B 377 14.67 -12.55 15.81
N ARG B 378 15.66 -11.72 15.52
CA ARG B 378 15.61 -10.31 15.92
C ARG B 378 14.84 -9.49 14.91
N PHE B 379 14.01 -8.57 15.41
CA PHE B 379 13.28 -7.61 14.58
C PHE B 379 13.72 -6.21 15.03
N ALA B 380 14.48 -5.53 14.17
CA ALA B 380 15.10 -4.26 14.52
C ALA B 380 15.21 -3.38 13.28
N PRO B 381 14.11 -2.77 12.84
CA PRO B 381 14.14 -1.92 11.66
C PRO B 381 14.70 -0.54 12.00
N PRO B 382 15.14 0.23 11.00
CA PRO B 382 15.66 1.58 11.30
C PRO B 382 14.61 2.44 12.00
N LEU B 383 15.08 3.34 12.85
CA LEU B 383 14.17 4.11 13.70
C LEU B 383 13.39 5.15 12.90
N VAL B 384 13.73 5.38 11.63
CA VAL B 384 12.97 6.29 10.79
C VAL B 384 11.73 5.65 10.17
N ILE B 385 11.48 4.37 10.44
CA ILE B 385 10.29 3.72 9.90
C ILE B 385 9.04 4.41 10.40
N LYS B 386 8.02 4.49 9.54
CA LYS B 386 6.74 5.09 9.88
C LYS B 386 5.75 4.01 10.28
N GLU B 387 4.67 4.42 10.94
CA GLU B 387 3.69 3.43 11.42
C GLU B 387 3.11 2.62 10.27
N ASP B 388 2.80 3.27 9.15
CA ASP B 388 2.23 2.53 8.02
C ASP B 388 3.23 1.54 7.44
N GLU B 389 4.50 1.94 7.31
CA GLU B 389 5.52 1.01 6.86
C GLU B 389 5.70 -0.13 7.85
N LEU B 390 5.60 0.16 9.15
CA LEU B 390 5.74 -0.90 10.15
C LEU B 390 4.61 -1.91 10.04
N ARG B 391 3.37 -1.45 9.87
CA ARG B 391 2.26 -2.38 9.78
C ARG B 391 2.34 -3.23 8.52
N GLU B 392 2.83 -2.64 7.41
CA GLU B 392 3.06 -3.44 6.20
C GLU B 392 4.09 -4.54 6.46
N SER B 393 5.12 -4.22 7.26
CA SER B 393 6.13 -5.22 7.61
C SER B 393 5.55 -6.30 8.51
N ILE B 394 4.68 -5.92 9.45
CA ILE B 394 4.06 -6.89 10.35
C ILE B 394 3.21 -7.88 9.55
N GLU B 395 2.53 -7.41 8.51
CA GLU B 395 1.75 -8.32 7.68
C GLU B 395 2.63 -9.30 6.92
N ILE B 396 3.83 -8.87 6.51
CA ILE B 396 4.80 -9.81 5.93
C ILE B 396 5.17 -10.88 6.96
N ILE B 397 5.44 -10.45 8.20
CA ILE B 397 5.79 -11.39 9.25
C ILE B 397 4.63 -12.36 9.50
N ASN B 398 3.41 -11.83 9.55
CA ASN B 398 2.23 -12.69 9.77
C ASN B 398 2.06 -13.68 8.63
N LYS B 399 2.13 -13.21 7.40
CA LYS B 399 1.99 -14.08 6.24
C LYS B 399 3.03 -15.21 6.28
N THR B 400 4.27 -14.86 6.62
CA THR B 400 5.35 -15.84 6.65
C THR B 400 5.14 -16.86 7.75
N ILE B 401 4.95 -16.39 8.98
CA ILE B 401 4.78 -17.30 10.12
C ILE B 401 3.58 -18.21 9.91
N LEU B 402 2.46 -17.67 9.42
CA LEU B 402 1.25 -18.45 9.24
C LEU B 402 1.23 -19.26 7.96
N SER B 403 2.34 -19.31 7.22
CA SER B 403 2.43 -20.11 6.01
C SER B 403 3.04 -21.48 6.26
N PHE B 404 3.53 -21.75 7.47
CA PHE B 404 4.17 -23.02 7.76
C PHE B 404 3.17 -24.04 8.24
N GLY C 1 7.16 -23.75 -6.62
CA GLY C 1 6.50 -22.78 -5.75
C GLY C 1 5.04 -23.13 -5.48
N PRO C 2 4.35 -22.25 -4.76
CA PRO C 2 2.95 -22.49 -4.43
C PRO C 2 2.06 -22.27 -5.64
N PRO C 3 0.82 -22.75 -5.61
CA PRO C 3 -0.09 -22.49 -6.73
C PRO C 3 -0.57 -21.05 -6.75
N THR C 4 -0.59 -20.48 -7.95
CA THR C 4 -1.17 -19.16 -8.16
C THR C 4 -2.68 -19.24 -8.09
N SER C 5 -3.34 -18.08 -8.20
CA SER C 5 -4.80 -18.06 -8.19
C SER C 5 -5.36 -18.79 -9.40
N ASP C 6 -4.72 -18.63 -10.56
CA ASP C 6 -5.19 -19.28 -11.78
C ASP C 6 -5.08 -20.79 -11.68
N ASP C 7 -3.98 -21.30 -11.11
CA ASP C 7 -3.88 -22.74 -10.87
C ASP C 7 -5.00 -23.22 -9.96
N ILE C 8 -5.30 -22.44 -8.92
CA ILE C 8 -6.32 -22.84 -7.95
C ILE C 8 -7.69 -22.95 -8.62
N PHE C 9 -8.05 -21.96 -9.44
CA PHE C 9 -9.30 -22.05 -10.19
C PHE C 9 -9.29 -23.29 -11.08
N GLU C 10 -8.19 -23.47 -11.81
CA GLU C 10 -8.08 -24.56 -12.78
C GLU C 10 -8.26 -25.92 -12.10
N ARG C 11 -7.67 -26.10 -10.91
CA ARG C 11 -7.74 -27.42 -10.28
C ARG C 11 -9.16 -27.76 -9.83
N GLU C 12 -9.88 -26.80 -9.27
CA GLU C 12 -11.27 -27.04 -8.88
C GLU C 12 -12.14 -27.40 -10.07
N TYR C 13 -11.90 -26.72 -11.21
CA TYR C 13 -12.69 -27.00 -12.40
C TYR C 13 -12.51 -28.44 -12.86
N LYS C 14 -11.30 -28.98 -12.69
CA LYS C 14 -11.04 -30.35 -13.15
C LYS C 14 -11.61 -31.38 -12.18
N TYR C 15 -11.51 -31.14 -10.87
CA TYR C 15 -11.75 -32.19 -9.89
C TYR C 15 -12.98 -31.99 -9.01
N GLY C 16 -13.56 -30.80 -8.98
CA GLY C 16 -14.73 -30.51 -8.17
C GLY C 16 -15.94 -30.23 -9.03
N ALA C 17 -17.12 -30.56 -8.50
CA ALA C 17 -18.38 -30.28 -9.17
C ALA C 17 -18.49 -28.81 -9.57
N HIS C 18 -19.29 -28.53 -10.60
CA HIS C 18 -19.44 -27.17 -11.12
C HIS C 18 -20.71 -26.52 -10.58
N ASN C 19 -20.93 -26.60 -9.27
CA ASN C 19 -22.18 -26.11 -8.69
C ASN C 19 -22.10 -24.66 -8.21
N TYR C 20 -20.94 -24.04 -8.28
CA TYR C 20 -20.79 -22.62 -8.00
C TYR C 20 -20.04 -21.92 -9.13
N HIS C 21 -20.23 -20.61 -9.22
CA HIS C 21 -19.38 -19.74 -10.03
C HIS C 21 -18.86 -18.64 -9.11
N PRO C 22 -17.80 -18.91 -8.36
CA PRO C 22 -17.30 -17.91 -7.41
C PRO C 22 -16.68 -16.72 -8.12
N LEU C 23 -16.58 -15.63 -7.39
CA LEU C 23 -15.76 -14.52 -7.86
C LEU C 23 -14.31 -15.00 -7.99
N PRO C 24 -13.60 -14.63 -9.08
CA PRO C 24 -12.21 -15.10 -9.23
C PRO C 24 -11.24 -14.48 -8.24
N VAL C 25 -11.21 -15.03 -7.03
CA VAL C 25 -10.20 -14.69 -6.03
C VAL C 25 -9.95 -15.94 -5.19
N ALA C 26 -8.67 -16.20 -4.87
CA ALA C 26 -8.26 -17.45 -4.23
C ALA C 26 -7.64 -17.15 -2.87
N LEU C 27 -8.42 -17.30 -1.80
CA LEU C 27 -7.98 -16.90 -0.46
C LEU C 27 -7.27 -18.03 0.25
N GLU C 28 -6.24 -17.68 1.03
CA GLU C 28 -5.56 -18.65 1.88
C GLU C 28 -5.45 -18.24 3.34
N ARG C 29 -5.83 -17.01 3.70
CA ARG C 29 -5.72 -16.56 5.08
C ARG C 29 -6.81 -15.56 5.40
N GLY C 30 -7.31 -15.61 6.64
CA GLY C 30 -8.25 -14.63 7.12
C GLY C 30 -8.01 -14.33 8.58
N LYS C 31 -8.28 -13.08 8.95
CA LYS C 31 -8.15 -12.66 10.35
C LYS C 31 -8.97 -11.39 10.54
N GLY C 32 -9.96 -11.46 11.43
CA GLY C 32 -10.82 -10.32 11.64
C GLY C 32 -11.57 -9.95 10.38
N ILE C 33 -11.46 -8.67 9.97
CA ILE C 33 -12.19 -8.17 8.82
C ILE C 33 -11.46 -8.42 7.50
N TYR C 34 -10.27 -9.01 7.53
CA TYR C 34 -9.41 -9.08 6.36
C TYR C 34 -9.27 -10.50 5.83
N LEU C 35 -9.11 -10.59 4.51
CA LEU C 35 -8.75 -11.83 3.83
C LEU C 35 -7.50 -11.56 2.98
N TRP C 36 -6.68 -12.60 2.80
CA TRP C 36 -5.49 -12.51 1.96
C TRP C 36 -5.52 -13.62 0.93
N ASP C 37 -5.20 -13.29 -0.32
CA ASP C 37 -5.16 -14.29 -1.38
C ASP C 37 -3.76 -14.89 -1.45
N VAL C 38 -3.59 -15.88 -2.34
CA VAL C 38 -2.33 -16.61 -2.39
C VAL C 38 -1.18 -15.75 -2.90
N GLU C 39 -1.47 -14.62 -3.56
CA GLU C 39 -0.43 -13.70 -3.98
C GLU C 39 -0.09 -12.67 -2.90
N GLY C 40 -0.72 -12.76 -1.73
CA GLY C 40 -0.45 -11.84 -0.64
C GLY C 40 -1.29 -10.59 -0.62
N ARG C 41 -2.21 -10.42 -1.58
CA ARG C 41 -3.05 -9.23 -1.59
C ARG C 41 -4.07 -9.27 -0.47
N LYS C 42 -4.29 -8.12 0.17
CA LYS C 42 -5.19 -8.00 1.30
C LYS C 42 -6.51 -7.36 0.87
N TYR C 43 -7.62 -7.91 1.37
CA TYR C 43 -8.96 -7.44 1.03
C TYR C 43 -9.80 -7.24 2.28
N PHE C 44 -10.67 -6.23 2.24
CA PHE C 44 -11.79 -6.17 3.17
C PHE C 44 -12.80 -7.26 2.81
N ASP C 45 -13.20 -8.05 3.81
CA ASP C 45 -14.27 -9.03 3.61
C ASP C 45 -15.59 -8.33 3.88
N PHE C 46 -16.35 -8.06 2.81
CA PHE C 46 -17.66 -7.45 2.96
C PHE C 46 -18.79 -8.45 2.69
N LEU C 47 -18.51 -9.73 2.85
CA LEU C 47 -19.55 -10.75 2.87
C LEU C 47 -19.62 -11.52 4.18
N SER C 48 -18.50 -11.69 4.89
CA SER C 48 -18.48 -12.43 6.16
C SER C 48 -19.03 -13.85 5.98
N SER C 49 -18.72 -14.47 4.85
CA SER C 49 -19.28 -15.76 4.50
C SER C 49 -20.80 -15.75 4.70
N TYR C 50 -21.43 -14.71 4.16
CA TYR C 50 -22.88 -14.49 4.28
C TYR C 50 -23.32 -14.55 5.74
N SER C 51 -22.54 -13.89 6.60
CA SER C 51 -22.82 -13.67 8.02
C SER C 51 -22.54 -14.90 8.87
N ALA C 52 -21.53 -15.69 8.48
CA ALA C 52 -21.04 -16.78 9.32
C ALA C 52 -19.79 -16.41 10.11
N VAL C 53 -19.05 -15.37 9.72
CA VAL C 53 -17.94 -14.89 10.54
C VAL C 53 -18.27 -13.49 11.05
N ASN C 54 -19.44 -13.35 11.70
CA ASN C 54 -19.76 -12.10 12.38
C ASN C 54 -18.66 -11.69 13.34
N GLN C 55 -18.04 -12.66 14.00
CA GLN C 55 -16.98 -12.42 14.96
C GLN C 55 -15.63 -12.14 14.32
N GLY C 56 -15.59 -12.04 12.99
CA GLY C 56 -14.34 -11.92 12.27
C GLY C 56 -13.70 -13.27 12.03
N HIS C 57 -12.79 -13.31 11.05
CA HIS C 57 -12.13 -14.55 10.71
C HIS C 57 -11.18 -14.98 11.81
N CYS C 58 -11.27 -16.25 12.22
CA CYS C 58 -10.29 -16.86 13.12
C CYS C 58 -10.17 -16.08 14.43
N HIS C 59 -11.31 -15.79 15.05
CA HIS C 59 -11.29 -15.06 16.31
C HIS C 59 -10.52 -15.86 17.35
N PRO C 60 -9.52 -15.27 18.02
CA PRO C 60 -8.64 -16.07 18.89
C PRO C 60 -9.37 -16.81 20.01
N LYS C 61 -10.47 -16.27 20.53
CA LYS C 61 -11.16 -16.96 21.62
C LYS C 61 -11.92 -18.18 21.12
N ILE C 62 -12.51 -18.09 19.94
CA ILE C 62 -13.16 -19.25 19.35
C ILE C 62 -12.12 -20.28 18.93
N VAL C 63 -10.99 -19.81 18.40
CA VAL C 63 -9.90 -20.70 18.02
C VAL C 63 -9.38 -21.45 19.24
N ASN C 64 -9.24 -20.76 20.37
CA ASN C 64 -8.71 -21.41 21.57
C ASN C 64 -9.67 -22.45 22.13
N ALA C 65 -10.98 -22.22 22.00
CA ALA C 65 -11.94 -23.22 22.44
C ALA C 65 -11.85 -24.49 21.59
N LEU C 66 -11.64 -24.34 20.28
CA LEU C 66 -11.51 -25.50 19.42
C LEU C 66 -10.24 -26.27 19.72
N LYS C 67 -9.11 -25.55 19.85
CA LYS C 67 -7.85 -26.22 20.15
C LYS C 67 -7.89 -26.93 21.49
N SER C 68 -8.56 -26.35 22.49
CA SER C 68 -8.60 -26.96 23.81
C SER C 68 -9.45 -28.23 23.80
N GLN C 69 -10.62 -28.19 23.16
CA GLN C 69 -11.51 -29.33 23.19
C GLN C 69 -11.04 -30.46 22.29
N VAL C 70 -10.31 -30.15 21.22
CA VAL C 70 -9.91 -31.20 20.28
C VAL C 70 -8.91 -32.16 20.88
N ASP C 71 -8.21 -31.75 21.94
CA ASP C 71 -7.31 -32.64 22.67
C ASP C 71 -8.03 -33.58 23.62
N LYS C 72 -9.32 -33.35 23.88
CA LYS C 72 -10.08 -34.11 24.86
C LYS C 72 -11.01 -35.12 24.21
N LEU C 73 -11.91 -34.65 23.36
CA LEU C 73 -12.99 -35.46 22.80
C LEU C 73 -13.69 -34.72 21.68
N THR C 74 -13.93 -35.35 20.54
CA THR C 74 -14.61 -34.64 19.46
C THR C 74 -15.96 -35.23 19.08
N LEU C 75 -16.17 -36.53 19.26
CA LEU C 75 -17.42 -37.15 18.81
C LEU C 75 -17.59 -38.50 19.48
N THR C 76 -18.71 -38.69 20.17
CA THR C 76 -19.10 -40.01 20.67
C THR C 76 -20.30 -40.59 19.94
N SER C 77 -20.97 -39.81 19.09
CA SER C 77 -22.32 -40.05 18.63
C SER C 77 -23.30 -39.86 19.79
N ARG C 78 -24.57 -39.67 19.47
CA ARG C 78 -25.58 -39.54 20.52
C ARG C 78 -26.02 -40.90 21.06
N ALA C 79 -25.31 -41.97 20.71
CA ALA C 79 -25.50 -43.23 21.43
C ALA C 79 -25.11 -43.09 22.89
N PHE C 80 -24.24 -42.13 23.21
CA PHE C 80 -23.81 -41.87 24.57
C PHE C 80 -23.94 -40.38 24.85
N TYR C 81 -23.79 -40.03 26.13
CA TYR C 81 -23.74 -38.62 26.53
C TYR C 81 -22.29 -38.14 26.47
N ASN C 82 -22.11 -36.88 26.07
CA ASN C 82 -20.85 -36.21 26.28
C ASN C 82 -21.07 -35.10 27.30
N ASN C 83 -19.99 -34.68 27.95
CA ASN C 83 -20.12 -33.76 29.07
C ASN C 83 -20.39 -32.33 28.65
N VAL C 84 -20.28 -32.01 27.36
CA VAL C 84 -20.30 -30.62 26.91
C VAL C 84 -21.69 -30.18 26.49
N LEU C 85 -22.43 -31.08 25.81
CA LEU C 85 -23.68 -30.71 25.16
C LEU C 85 -24.63 -30.01 26.14
N GLY C 86 -24.84 -30.60 27.31
CA GLY C 86 -25.76 -30.02 28.27
C GLY C 86 -25.35 -28.65 28.77
N GLU C 87 -24.03 -28.42 28.92
CA GLU C 87 -23.55 -27.10 29.31
C GLU C 87 -23.89 -26.07 28.22
N TYR C 88 -23.73 -26.45 26.95
CA TYR C 88 -24.10 -25.56 25.86
C TYR C 88 -25.61 -25.38 25.77
N GLU C 89 -26.37 -26.47 25.97
CA GLU C 89 -27.83 -26.36 25.90
C GLU C 89 -28.35 -25.38 26.96
N GLU C 90 -27.85 -25.50 28.20
CA GLU C 90 -28.31 -24.59 29.23
C GLU C 90 -27.94 -23.14 28.89
N TYR C 91 -26.71 -22.93 28.40
CA TYR C 91 -26.27 -21.59 28.05
C TYR C 91 -27.14 -20.98 26.96
N ILE C 92 -27.35 -21.70 25.86
CA ILE C 92 -28.05 -21.10 24.74
C ILE C 92 -29.55 -20.95 25.03
N THR C 93 -30.15 -21.88 25.76
CA THR C 93 -31.59 -21.74 26.04
C THR C 93 -31.86 -20.58 26.98
N LYS C 94 -30.96 -20.35 27.95
CA LYS C 94 -31.15 -19.18 28.81
C LYS C 94 -30.92 -17.88 28.04
N LEU C 95 -29.95 -17.88 27.12
CA LEU C 95 -29.59 -16.65 26.42
C LEU C 95 -30.73 -16.12 25.55
N PHE C 96 -31.42 -17.00 24.83
CA PHE C 96 -32.53 -16.59 23.97
C PHE C 96 -33.89 -16.78 24.60
N ASN C 97 -33.95 -17.41 25.78
CA ASN C 97 -35.17 -17.48 26.58
C ASN C 97 -36.19 -18.44 25.98
N TYR C 98 -35.72 -19.61 25.54
CA TYR C 98 -36.57 -20.72 25.17
C TYR C 98 -36.23 -21.91 26.06
N HIS C 99 -37.18 -22.83 26.18
CA HIS C 99 -36.98 -23.88 27.17
C HIS C 99 -36.01 -24.95 26.69
N LYS C 100 -35.97 -25.23 25.39
CA LYS C 100 -35.15 -26.33 24.91
C LYS C 100 -34.52 -25.98 23.57
N VAL C 101 -33.42 -26.66 23.27
CA VAL C 101 -32.73 -26.54 21.98
C VAL C 101 -32.54 -27.95 21.43
N LEU C 102 -32.67 -28.08 20.11
CA LEU C 102 -32.28 -29.30 19.41
C LEU C 102 -31.06 -29.01 18.55
N PRO C 103 -29.91 -29.62 18.81
CA PRO C 103 -28.70 -29.27 18.05
C PRO C 103 -28.62 -30.02 16.74
N MET C 104 -28.23 -29.29 15.69
CA MET C 104 -27.94 -29.87 14.39
C MET C 104 -26.64 -29.22 13.89
N ASN C 105 -26.32 -29.46 12.61
CA ASN C 105 -25.05 -29.01 12.05
C ASN C 105 -25.20 -27.89 11.03
N THR C 106 -26.06 -28.06 10.02
CA THR C 106 -26.15 -27.06 8.97
C THR C 106 -27.47 -26.30 9.07
N GLY C 107 -27.50 -25.16 8.40
CA GLY C 107 -28.71 -24.33 8.41
C GLY C 107 -29.91 -25.09 7.89
N VAL C 108 -29.74 -25.78 6.76
CA VAL C 108 -30.88 -26.49 6.19
C VAL C 108 -31.36 -27.60 7.12
N GLU C 109 -30.45 -28.23 7.87
CA GLU C 109 -30.86 -29.27 8.81
C GLU C 109 -31.75 -28.68 9.91
N ALA C 110 -31.42 -27.48 10.38
CA ALA C 110 -32.30 -26.82 11.34
C ALA C 110 -33.65 -26.52 10.72
N GLY C 111 -33.66 -26.09 9.45
CA GLY C 111 -34.93 -25.87 8.78
C GLY C 111 -35.74 -27.13 8.63
N GLU C 112 -35.09 -28.24 8.26
CA GLU C 112 -35.81 -29.51 8.15
C GLU C 112 -36.37 -29.94 9.50
N THR C 113 -35.54 -29.83 10.55
CA THR C 113 -36.02 -30.14 11.90
C THR C 113 -37.24 -29.31 12.25
N ALA C 114 -37.23 -28.02 11.89
CA ALA C 114 -38.37 -27.16 12.20
C ALA C 114 -39.64 -27.64 11.51
N CYS C 115 -39.53 -28.04 10.23
CA CYS C 115 -40.71 -28.53 9.51
C CYS C 115 -41.20 -29.86 10.08
N LYS C 116 -40.29 -30.74 10.50
CA LYS C 116 -40.71 -31.96 11.20
C LYS C 116 -41.40 -31.63 12.52
N LEU C 117 -40.88 -30.65 13.27
CA LEU C 117 -41.55 -30.27 14.52
C LEU C 117 -42.96 -29.74 14.24
N ALA C 118 -43.09 -28.89 13.22
CA ALA C 118 -44.37 -28.28 12.91
C ALA C 118 -45.39 -29.31 12.48
N ARG C 119 -44.99 -30.27 11.66
CA ARG C 119 -45.92 -31.29 11.21
C ARG C 119 -46.34 -32.18 12.38
N LYS C 120 -45.37 -32.66 13.17
CA LYS C 120 -45.71 -33.52 14.29
C LYS C 120 -46.55 -32.78 15.32
N TRP C 121 -46.25 -31.50 15.55
CA TRP C 121 -47.09 -30.69 16.42
C TRP C 121 -48.48 -30.50 15.82
N GLY C 122 -48.53 -30.22 14.50
CA GLY C 122 -49.82 -30.06 13.85
C GLY C 122 -50.69 -31.30 13.95
N TYR C 123 -50.08 -32.49 13.83
CA TYR C 123 -50.87 -33.71 13.89
C TYR C 123 -51.26 -34.08 15.31
N THR C 124 -50.34 -33.95 16.27
CA THR C 124 -50.53 -34.51 17.60
C THR C 124 -51.07 -33.51 18.62
N VAL C 125 -50.92 -32.21 18.39
CA VAL C 125 -51.43 -31.18 19.29
C VAL C 125 -52.59 -30.41 18.66
N LYS C 126 -52.40 -29.90 17.44
CA LYS C 126 -53.45 -29.10 16.80
C LYS C 126 -54.62 -29.96 16.36
N GLY C 127 -54.35 -31.20 15.93
CA GLY C 127 -55.41 -32.11 15.53
C GLY C 127 -55.58 -32.29 14.04
N ILE C 128 -54.72 -31.68 13.22
CA ILE C 128 -54.76 -31.91 11.78
C ILE C 128 -54.72 -33.40 11.49
N GLN C 129 -55.49 -33.82 10.49
CA GLN C 129 -55.45 -35.22 10.07
C GLN C 129 -54.18 -35.50 9.27
N LYS C 130 -53.63 -36.70 9.45
CA LYS C 130 -52.47 -37.16 8.68
C LYS C 130 -52.92 -37.57 7.28
N TYR C 131 -52.30 -37.02 6.24
CA TYR C 131 -51.15 -36.11 6.32
C TYR C 131 -51.43 -34.78 5.60
N LYS C 132 -52.31 -33.99 6.17
CA LYS C 132 -52.79 -32.78 5.52
C LYS C 132 -52.16 -31.51 6.07
N ALA C 133 -51.13 -31.64 6.91
CA ALA C 133 -50.47 -30.47 7.48
C ALA C 133 -49.81 -29.65 6.38
N LYS C 134 -50.03 -28.33 6.42
CA LYS C 134 -49.41 -27.40 5.48
C LYS C 134 -48.44 -26.48 6.23
N ILE C 135 -47.38 -26.10 5.53
CA ILE C 135 -46.46 -25.08 6.02
C ILE C 135 -46.37 -24.00 4.95
N VAL C 136 -46.55 -22.75 5.36
CA VAL C 136 -46.54 -21.61 4.45
C VAL C 136 -45.16 -20.96 4.49
N PHE C 137 -44.69 -20.55 3.31
CA PHE C 137 -43.42 -19.85 3.16
C PHE C 137 -43.66 -18.55 2.41
N ALA C 138 -42.68 -17.67 2.45
CA ALA C 138 -42.73 -16.41 1.74
C ALA C 138 -41.92 -16.51 0.45
N ALA C 139 -42.48 -15.98 -0.64
CA ALA C 139 -41.75 -15.88 -1.90
C ALA C 139 -40.41 -15.18 -1.67
N GLY C 140 -39.37 -15.71 -2.32
CA GLY C 140 -38.01 -15.23 -2.13
C GLY C 140 -37.25 -15.92 -1.03
N ASN C 141 -37.89 -16.84 -0.30
CA ASN C 141 -37.22 -17.49 0.81
C ASN C 141 -36.04 -18.33 0.34
N PHE C 142 -35.06 -18.43 1.21
CA PHE C 142 -33.98 -19.41 1.03
C PHE C 142 -33.69 -20.04 2.38
N TRP C 143 -33.76 -21.38 2.45
CA TRP C 143 -33.27 -22.02 3.66
C TRP C 143 -32.45 -23.28 3.39
N GLY C 144 -31.88 -23.41 2.19
CA GLY C 144 -30.95 -24.51 1.96
C GLY C 144 -31.25 -25.19 0.65
N ARG C 145 -30.65 -26.39 0.49
CA ARG C 145 -30.60 -27.03 -0.82
C ARG C 145 -31.12 -28.48 -0.82
N THR C 146 -31.67 -28.96 0.30
CA THR C 146 -32.30 -30.25 0.25
C THR C 146 -33.51 -30.21 -0.69
N LEU C 147 -34.06 -31.40 -0.98
CA LEU C 147 -35.24 -31.48 -1.83
C LEU C 147 -36.43 -30.77 -1.19
N SER C 148 -36.54 -30.84 0.13
CA SER C 148 -37.61 -30.14 0.82
C SER C 148 -37.42 -28.63 0.72
N ALA C 149 -36.19 -28.14 0.94
CA ALA C 149 -35.96 -26.70 0.95
C ALA C 149 -36.20 -26.09 -0.43
N ILE C 150 -35.76 -26.76 -1.49
CA ILE C 150 -36.00 -26.22 -2.83
C ILE C 150 -37.47 -26.33 -3.21
N SER C 151 -38.22 -27.22 -2.55
CA SER C 151 -39.64 -27.40 -2.84
C SER C 151 -40.46 -26.18 -2.45
N SER C 152 -39.96 -25.33 -1.54
CA SER C 152 -40.65 -24.11 -1.15
C SER C 152 -40.09 -22.86 -1.83
N SER C 153 -39.04 -23.00 -2.63
CA SER C 153 -38.38 -21.86 -3.23
C SER C 153 -39.18 -21.35 -4.42
N THR C 154 -39.09 -20.05 -4.67
CA THR C 154 -39.65 -19.47 -5.88
C THR C 154 -38.59 -19.18 -6.93
N ASP C 155 -37.33 -19.56 -6.64
CA ASP C 155 -36.23 -19.40 -7.57
C ASP C 155 -36.16 -20.63 -8.46
N PRO C 156 -36.47 -20.53 -9.76
CA PRO C 156 -36.40 -21.72 -10.64
C PRO C 156 -35.03 -22.35 -10.70
N THR C 157 -33.95 -21.59 -10.52
CA THR C 157 -32.63 -22.21 -10.53
C THR C 157 -32.48 -23.20 -9.37
N SER C 158 -33.25 -23.01 -8.30
CA SER C 158 -33.16 -23.90 -7.16
C SER C 158 -33.90 -25.21 -7.38
N TYR C 159 -35.09 -25.17 -7.98
CA TYR C 159 -35.93 -26.36 -8.02
C TYR C 159 -36.13 -26.96 -9.41
N ASP C 160 -35.94 -26.19 -10.48
CA ASP C 160 -36.21 -26.69 -11.82
C ASP C 160 -35.33 -27.91 -12.11
N GLY C 161 -35.98 -29.00 -12.54
CA GLY C 161 -35.29 -30.23 -12.85
C GLY C 161 -34.93 -31.09 -11.65
N PHE C 162 -35.38 -30.74 -10.45
CA PHE C 162 -35.09 -31.52 -9.25
C PHE C 162 -36.34 -32.17 -8.64
N GLY C 163 -37.50 -32.07 -9.29
CA GLY C 163 -38.71 -32.63 -8.74
C GLY C 163 -38.81 -34.13 -8.96
N PRO C 164 -39.94 -34.72 -8.54
CA PRO C 164 -41.15 -34.12 -7.95
C PRO C 164 -40.90 -33.56 -6.57
N PHE C 165 -41.77 -32.69 -6.09
CA PHE C 165 -41.46 -31.84 -4.96
C PHE C 165 -42.23 -32.25 -3.73
N MET C 166 -41.74 -31.81 -2.59
CA MET C 166 -42.36 -32.12 -1.31
C MET C 166 -43.75 -31.48 -1.25
N PRO C 167 -44.80 -32.25 -1.03
CA PRO C 167 -46.14 -31.67 -0.91
C PRO C 167 -46.32 -30.99 0.45
N GLY C 168 -47.34 -30.14 0.52
CA GLY C 168 -47.67 -29.49 1.76
C GLY C 168 -47.01 -28.15 2.01
N PHE C 169 -46.36 -27.57 1.01
CA PHE C 169 -45.68 -26.29 1.13
C PHE C 169 -46.42 -25.26 0.28
N ASP C 170 -47.03 -24.27 0.91
CA ASP C 170 -47.68 -23.17 0.19
C ASP C 170 -46.80 -21.92 0.26
N ILE C 171 -46.93 -21.07 -0.76
CA ILE C 171 -46.12 -19.86 -0.87
C ILE C 171 -47.02 -18.65 -1.01
N ILE C 172 -46.69 -17.60 -0.28
CA ILE C 172 -47.38 -16.30 -0.36
C ILE C 172 -46.31 -15.23 -0.52
N PRO C 173 -46.69 -14.02 -0.92
CA PRO C 173 -45.69 -12.94 -1.01
C PRO C 173 -45.12 -12.61 0.35
N TYR C 174 -43.85 -12.19 0.37
CA TYR C 174 -43.21 -11.61 1.53
C TYR C 174 -43.84 -10.27 1.86
N ASN C 175 -43.70 -9.85 3.12
CA ASN C 175 -44.05 -8.47 3.51
C ASN C 175 -45.50 -8.15 3.20
N ASP C 176 -46.39 -9.11 3.46
CA ASP C 176 -47.78 -9.04 3.01
C ASP C 176 -48.68 -9.66 4.08
N LEU C 177 -49.19 -8.83 5.00
CA LEU C 177 -50.02 -9.36 6.09
C LEU C 177 -51.39 -9.79 5.57
N PRO C 178 -52.07 -9.01 4.71
CA PRO C 178 -53.32 -9.54 4.13
C PRO C 178 -53.17 -10.91 3.49
N ALA C 179 -52.04 -11.18 2.83
CA ALA C 179 -51.85 -12.49 2.21
C ALA C 179 -51.69 -13.58 3.27
N LEU C 180 -51.00 -13.26 4.38
CA LEU C 180 -50.85 -14.25 5.44
C LEU C 180 -52.18 -14.53 6.12
N GLU C 181 -52.95 -13.48 6.40
CA GLU C 181 -54.29 -13.65 6.93
C GLU C 181 -55.14 -14.55 6.04
N ARG C 182 -55.11 -14.31 4.73
CA ARG C 182 -55.91 -15.11 3.80
C ARG C 182 -55.44 -16.56 3.81
N ALA C 183 -54.13 -16.77 3.80
CA ALA C 183 -53.60 -18.14 3.79
C ALA C 183 -53.94 -18.87 5.07
N LEU C 184 -53.95 -18.16 6.20
CA LEU C 184 -54.18 -18.80 7.49
C LEU C 184 -55.65 -19.08 7.77
N GLN C 185 -56.54 -18.81 6.82
CA GLN C 185 -57.92 -19.28 6.98
C GLN C 185 -58.01 -20.80 6.86
N ASP C 186 -57.02 -21.44 6.27
CA ASP C 186 -56.95 -22.89 6.12
C ASP C 186 -56.60 -23.53 7.46
N PRO C 187 -57.51 -24.27 8.09
CA PRO C 187 -57.21 -24.86 9.40
C PRO C 187 -56.15 -25.96 9.35
N ASN C 188 -55.74 -26.41 8.17
CA ASN C 188 -54.69 -27.41 8.06
C ASN C 188 -53.29 -26.79 7.97
N VAL C 189 -53.17 -25.48 8.16
CA VAL C 189 -51.85 -24.86 8.21
C VAL C 189 -51.28 -25.04 9.60
N ALA C 190 -50.07 -25.58 9.68
CA ALA C 190 -49.41 -25.84 10.94
C ALA C 190 -48.36 -24.79 11.31
N ALA C 191 -47.76 -24.14 10.32
CA ALA C 191 -46.65 -23.23 10.57
C ALA C 191 -46.49 -22.27 9.40
N PHE C 192 -45.89 -21.12 9.69
CA PHE C 192 -45.42 -20.15 8.70
C PHE C 192 -43.97 -19.87 9.03
N MET C 193 -43.08 -20.25 8.11
CA MET C 193 -41.64 -20.03 8.25
C MET C 193 -41.24 -18.80 7.44
N VAL C 194 -40.44 -17.92 8.03
CA VAL C 194 -40.14 -16.65 7.39
C VAL C 194 -38.82 -16.11 7.94
N GLU C 195 -38.06 -15.45 7.06
CA GLU C 195 -36.85 -14.71 7.44
C GLU C 195 -37.25 -13.29 7.83
N PRO C 196 -36.78 -12.78 8.96
CA PRO C 196 -37.09 -11.38 9.34
C PRO C 196 -36.56 -10.36 8.34
N ILE C 197 -35.40 -10.63 7.75
CA ILE C 197 -34.92 -9.97 6.55
C ILE C 197 -34.46 -11.08 5.61
N GLN C 198 -34.93 -11.06 4.37
CA GLN C 198 -34.55 -12.10 3.40
C GLN C 198 -33.13 -11.84 2.91
N GLY C 199 -32.23 -12.78 3.18
CA GLY C 199 -30.84 -12.61 2.83
C GLY C 199 -30.53 -12.88 1.38
N GLU C 200 -30.68 -14.15 0.97
CA GLU C 200 -30.31 -14.55 -0.38
C GLU C 200 -31.14 -13.82 -1.42
N ALA C 201 -32.36 -13.40 -1.07
CA ALA C 201 -33.19 -12.66 -2.00
C ALA C 201 -32.63 -11.27 -2.31
N GLY C 202 -31.76 -10.75 -1.46
CA GLY C 202 -31.14 -9.47 -1.68
C GLY C 202 -31.33 -8.48 -0.54
N VAL C 203 -31.29 -8.95 0.70
CA VAL C 203 -31.51 -8.13 1.88
C VAL C 203 -32.84 -7.40 1.70
N VAL C 204 -33.92 -8.16 1.54
CA VAL C 204 -35.26 -7.60 1.41
C VAL C 204 -35.79 -7.33 2.82
N VAL C 205 -35.91 -6.06 3.19
CA VAL C 205 -36.34 -5.67 4.52
C VAL C 205 -37.85 -5.45 4.47
N PRO C 206 -38.64 -6.16 5.26
CA PRO C 206 -40.08 -5.92 5.28
C PRO C 206 -40.40 -4.60 5.98
N ASP C 207 -41.63 -4.14 5.77
CA ASP C 207 -42.02 -2.85 6.31
C ASP C 207 -42.17 -2.91 7.83
N PRO C 208 -41.99 -1.78 8.51
CA PRO C 208 -42.24 -1.77 9.97
C PRO C 208 -43.62 -2.31 10.29
N GLY C 209 -43.69 -3.12 11.35
CA GLY C 209 -44.93 -3.74 11.75
C GLY C 209 -45.21 -5.10 11.15
N TYR C 210 -44.45 -5.53 10.14
CA TYR C 210 -44.72 -6.81 9.50
C TYR C 210 -44.56 -7.97 10.47
N LEU C 211 -43.42 -8.01 11.18
CA LEU C 211 -43.17 -9.11 12.13
C LEU C 211 -44.17 -9.10 13.27
N MET C 212 -44.55 -7.91 13.75
CA MET C 212 -45.62 -7.81 14.74
C MET C 212 -46.90 -8.41 14.19
N GLY C 213 -47.24 -8.09 12.94
CA GLY C 213 -48.44 -8.63 12.34
C GLY C 213 -48.38 -10.12 12.11
N VAL C 214 -47.18 -10.64 11.81
CA VAL C 214 -47.04 -12.08 11.62
C VAL C 214 -47.28 -12.79 12.94
N ARG C 215 -46.71 -12.27 14.03
CA ARG C 215 -46.89 -12.87 15.35
C ARG C 215 -48.36 -12.92 15.72
N GLU C 216 -49.08 -11.80 15.58
CA GLU C 216 -50.50 -11.76 15.96
C GLU C 216 -51.32 -12.72 15.11
N LEU C 217 -51.08 -12.74 13.79
CA LEU C 217 -51.86 -13.62 12.92
C LEU C 217 -51.61 -15.08 13.24
N CYS C 218 -50.35 -15.44 13.47
CA CYS C 218 -50.06 -16.84 13.77
C CYS C 218 -50.73 -17.28 15.06
N THR C 219 -50.69 -16.42 16.08
CA THR C 219 -51.29 -16.77 17.38
C THR C 219 -52.80 -16.87 17.28
N ARG C 220 -53.44 -15.90 16.61
CA ARG C 220 -54.90 -15.91 16.51
C ARG C 220 -55.41 -17.13 15.77
N HIS C 221 -54.59 -17.73 14.91
CA HIS C 221 -54.98 -18.91 14.15
C HIS C 221 -54.27 -20.17 14.63
N GLN C 222 -53.70 -20.14 15.84
CA GLN C 222 -52.67 -21.05 16.35
C GLN C 222 -51.92 -21.75 15.22
N VAL C 223 -51.07 -20.98 14.56
CA VAL C 223 -50.07 -21.48 13.63
C VAL C 223 -48.70 -21.20 14.24
N LEU C 224 -47.75 -22.11 14.07
CA LEU C 224 -46.41 -21.88 14.58
C LEU C 224 -45.68 -20.87 13.71
N PHE C 225 -45.13 -19.85 14.34
CA PHE C 225 -44.33 -18.81 13.69
C PHE C 225 -42.88 -19.25 13.81
N ILE C 226 -42.32 -19.72 12.69
CA ILE C 226 -40.93 -20.14 12.64
C ILE C 226 -40.11 -18.98 12.08
N ALA C 227 -39.20 -18.45 12.88
CA ALA C 227 -38.33 -17.38 12.43
C ALA C 227 -36.98 -17.97 12.07
N ASP C 228 -36.62 -17.88 10.80
CA ASP C 228 -35.31 -18.33 10.32
C ASP C 228 -34.33 -17.18 10.53
N GLU C 229 -33.59 -17.24 11.64
CA GLU C 229 -32.56 -16.25 11.92
C GLU C 229 -31.16 -16.82 11.68
N ILE C 230 -31.01 -17.71 10.70
CA ILE C 230 -29.72 -18.32 10.43
C ILE C 230 -28.75 -17.30 9.84
N GLN C 231 -29.26 -16.36 9.02
CA GLN C 231 -28.41 -15.29 8.49
C GLN C 231 -28.57 -13.97 9.23
N THR C 232 -29.76 -13.67 9.77
CA THR C 232 -29.99 -12.38 10.42
C THR C 232 -29.69 -12.37 11.91
N GLY C 233 -29.64 -13.53 12.55
CA GLY C 233 -29.46 -13.58 13.99
C GLY C 233 -28.03 -13.25 14.41
N LEU C 234 -27.81 -13.33 15.71
CA LEU C 234 -26.48 -13.25 16.29
C LEU C 234 -25.80 -11.92 15.97
N ALA C 235 -26.55 -10.84 16.21
CA ALA C 235 -26.08 -9.44 16.22
C ALA C 235 -25.83 -8.84 14.83
N ARG C 236 -26.07 -9.57 13.73
CA ARG C 236 -25.73 -9.03 12.41
C ARG C 236 -26.54 -7.78 12.08
N THR C 237 -27.84 -7.79 12.42
CA THR C 237 -28.72 -6.66 12.10
C THR C 237 -28.74 -5.59 13.17
N GLY C 238 -27.96 -5.72 14.24
CA GLY C 238 -27.93 -4.75 15.31
C GLY C 238 -28.69 -5.13 16.56
N ARG C 239 -29.27 -6.32 16.62
CA ARG C 239 -29.87 -6.87 17.83
C ARG C 239 -29.50 -8.35 17.90
N TRP C 240 -29.68 -8.95 19.07
CA TRP C 240 -29.41 -10.40 19.20
C TRP C 240 -30.17 -11.18 18.13
N LEU C 241 -31.45 -10.86 17.94
CA LEU C 241 -32.23 -11.40 16.83
C LEU C 241 -32.88 -10.26 16.09
N ALA C 242 -33.02 -10.42 14.77
CA ALA C 242 -33.65 -9.37 13.99
C ALA C 242 -35.09 -9.13 14.44
N VAL C 243 -35.78 -10.16 14.92
CA VAL C 243 -37.13 -9.98 15.43
C VAL C 243 -37.17 -9.12 16.68
N ASP C 244 -36.03 -8.90 17.35
CA ASP C 244 -36.02 -8.07 18.54
C ASP C 244 -36.37 -6.62 18.23
N TYR C 245 -36.18 -6.19 16.98
CA TYR C 245 -36.55 -4.82 16.61
C TYR C 245 -38.04 -4.56 16.88
N GLU C 246 -38.89 -5.58 16.73
CA GLU C 246 -40.32 -5.40 16.93
C GLU C 246 -40.82 -6.10 18.19
N ASN C 247 -39.91 -6.50 19.09
CA ASN C 247 -40.29 -7.10 20.37
C ASN C 247 -41.17 -8.33 20.16
N VAL C 248 -40.81 -9.16 19.18
CA VAL C 248 -41.63 -10.30 18.76
C VAL C 248 -40.93 -11.58 19.17
N ARG C 249 -41.70 -12.52 19.72
CA ARG C 249 -41.18 -13.81 20.16
C ARG C 249 -41.74 -14.94 19.31
N PRO C 250 -40.99 -15.44 18.32
CA PRO C 250 -41.48 -16.55 17.50
C PRO C 250 -41.63 -17.84 18.31
N ASP C 251 -42.31 -18.81 17.69
CA ASP C 251 -42.51 -20.10 18.33
C ASP C 251 -41.30 -21.02 18.15
N ILE C 252 -40.64 -20.93 16.99
CA ILE C 252 -39.39 -21.64 16.73
C ILE C 252 -38.40 -20.64 16.16
N VAL C 253 -37.18 -20.63 16.69
CA VAL C 253 -36.11 -19.79 16.17
C VAL C 253 -35.00 -20.71 15.66
N LEU C 254 -34.56 -20.48 14.44
CA LEU C 254 -33.45 -21.21 13.86
C LEU C 254 -32.20 -20.36 13.89
N LEU C 255 -31.08 -20.97 14.28
CA LEU C 255 -29.78 -20.30 14.26
C LEU C 255 -28.78 -21.17 13.53
N GLY C 256 -27.73 -20.52 13.01
CA GLY C 256 -26.67 -21.24 12.33
C GLY C 256 -25.51 -20.31 12.01
N LYS C 257 -24.78 -20.62 10.95
CA LYS C 257 -23.74 -19.76 10.40
C LYS C 257 -22.80 -19.23 11.48
N ALA C 258 -23.05 -17.99 11.94
CA ALA C 258 -22.20 -17.36 12.94
C ALA C 258 -22.32 -17.99 14.31
N LEU C 259 -23.20 -18.99 14.48
CA LEU C 259 -23.27 -19.71 15.74
C LEU C 259 -21.92 -20.34 16.11
N SER C 260 -21.00 -20.47 15.16
CA SER C 260 -19.68 -21.03 15.39
C SER C 260 -18.54 -20.07 15.07
N GLY C 261 -18.84 -18.84 14.67
CA GLY C 261 -17.77 -17.97 14.19
C GLY C 261 -17.08 -18.49 12.95
N GLY C 262 -17.71 -19.42 12.23
CA GLY C 262 -17.13 -20.00 11.03
C GLY C 262 -16.16 -21.14 11.25
N LEU C 263 -15.98 -21.60 12.49
CA LEU C 263 -15.00 -22.65 12.79
C LEU C 263 -15.58 -24.06 12.71
N TYR C 264 -16.89 -24.21 12.64
CA TYR C 264 -17.52 -25.52 12.71
C TYR C 264 -18.96 -25.41 12.26
N PRO C 265 -19.50 -26.42 11.56
CA PRO C 265 -20.93 -26.37 11.23
C PRO C 265 -21.78 -26.66 12.44
N VAL C 266 -22.37 -25.61 13.04
CA VAL C 266 -23.29 -25.75 14.16
C VAL C 266 -24.57 -24.99 13.85
N SER C 267 -25.71 -25.64 14.04
CA SER C 267 -27.02 -25.00 13.90
C SER C 267 -27.90 -25.40 15.08
N ALA C 268 -28.97 -24.65 15.29
CA ALA C 268 -29.81 -24.85 16.47
C ALA C 268 -31.27 -24.59 16.15
N VAL C 269 -32.14 -25.35 16.81
CA VAL C 269 -33.59 -25.19 16.77
C VAL C 269 -34.05 -24.89 18.19
N LEU C 270 -34.54 -23.68 18.43
CA LEU C 270 -34.97 -23.24 19.76
C LEU C 270 -36.48 -23.18 19.83
N CYS C 271 -37.07 -23.80 20.85
CA CYS C 271 -38.49 -23.64 21.11
C CYS C 271 -38.82 -24.19 22.50
N ASP C 272 -40.07 -23.96 22.91
CA ASP C 272 -40.52 -24.36 24.23
C ASP C 272 -40.96 -25.83 24.22
N ASP C 273 -41.18 -26.35 25.43
CA ASP C 273 -41.48 -27.77 25.61
C ASP C 273 -42.71 -28.22 24.82
N ASP C 274 -43.73 -27.35 24.72
CA ASP C 274 -44.98 -27.76 24.08
C ASP C 274 -44.78 -28.15 22.63
N ILE C 275 -43.79 -27.55 21.96
CA ILE C 275 -43.46 -27.96 20.59
C ILE C 275 -42.35 -28.99 20.58
N MET C 276 -41.27 -28.74 21.34
CA MET C 276 -40.06 -29.54 21.21
C MET C 276 -40.33 -31.01 21.53
N LEU C 277 -41.17 -31.28 22.52
CA LEU C 277 -41.38 -32.63 23.03
C LEU C 277 -42.42 -33.42 22.24
N THR C 278 -42.90 -32.91 21.11
CA THR C 278 -43.68 -33.76 20.22
C THR C 278 -42.79 -34.78 19.51
N ILE C 279 -41.50 -34.52 19.41
CA ILE C 279 -40.57 -35.52 18.90
C ILE C 279 -40.06 -36.32 20.08
N LYS C 280 -40.26 -37.63 20.04
CA LYS C 280 -39.91 -38.56 21.10
C LYS C 280 -38.57 -39.22 20.81
N PRO C 281 -37.93 -39.83 21.82
CA PRO C 281 -36.62 -40.47 21.59
C PRO C 281 -36.67 -41.45 20.43
N GLY C 282 -35.65 -41.39 19.60
CA GLY C 282 -35.53 -42.25 18.44
C GLY C 282 -36.16 -41.70 17.17
N GLU C 283 -36.70 -40.48 17.18
CA GLU C 283 -37.49 -39.98 16.06
C GLU C 283 -36.82 -38.89 15.23
N HIS C 284 -35.64 -38.43 15.62
CA HIS C 284 -34.93 -37.42 14.86
C HIS C 284 -33.51 -37.31 15.42
N GLY C 285 -32.59 -36.85 14.59
CA GLY C 285 -31.23 -36.70 15.04
C GLY C 285 -30.27 -36.53 13.87
N SER C 286 -29.01 -36.86 14.14
CA SER C 286 -27.87 -36.53 13.30
C SER C 286 -26.58 -37.10 13.90
N THR C 287 -25.67 -37.57 13.05
CA THR C 287 -24.40 -38.10 13.55
C THR C 287 -23.65 -37.05 14.35
N TYR C 288 -23.40 -35.89 13.74
CA TYR C 288 -22.57 -34.87 14.36
C TYR C 288 -23.33 -33.87 15.22
N GLY C 289 -24.67 -33.88 15.17
CA GLY C 289 -25.46 -32.94 15.95
C GLY C 289 -25.16 -33.02 17.44
N GLY C 290 -24.73 -31.90 18.02
CA GLY C 290 -24.46 -31.82 19.44
C GLY C 290 -23.14 -32.40 19.89
N ASN C 291 -22.21 -32.66 18.97
CA ASN C 291 -20.91 -33.17 19.37
C ASN C 291 -20.20 -32.16 20.26
N PRO C 292 -19.27 -32.63 21.11
CA PRO C 292 -18.67 -31.72 22.09
C PRO C 292 -17.76 -30.67 21.49
N LEU C 293 -17.15 -30.95 20.33
CA LEU C 293 -16.25 -29.96 19.74
C LEU C 293 -17.05 -28.78 19.20
N GLY C 294 -18.11 -29.04 18.44
CA GLY C 294 -18.97 -27.96 17.98
C GLY C 294 -19.58 -27.17 19.12
N CYS C 295 -19.95 -27.86 20.20
CA CYS C 295 -20.54 -27.20 21.36
C CYS C 295 -19.58 -26.23 22.04
N ARG C 296 -18.32 -26.65 22.22
CA ARG C 296 -17.33 -25.75 22.84
C ARG C 296 -17.09 -24.52 21.96
N VAL C 297 -17.08 -24.72 20.65
CA VAL C 297 -16.89 -23.61 19.72
C VAL C 297 -18.07 -22.65 19.78
N ALA C 298 -19.29 -23.18 19.83
CA ALA C 298 -20.47 -22.33 19.81
C ALA C 298 -20.61 -21.52 21.09
N ILE C 299 -20.31 -22.14 22.24
CA ILE C 299 -20.31 -21.36 23.49
C ILE C 299 -19.38 -20.16 23.35
N ALA C 300 -18.15 -20.41 22.91
CA ALA C 300 -17.18 -19.34 22.76
C ALA C 300 -17.65 -18.31 21.73
N ALA C 301 -18.21 -18.77 20.61
CA ALA C 301 -18.69 -17.84 19.59
C ALA C 301 -19.80 -16.95 20.12
N LEU C 302 -20.73 -17.52 20.88
CA LEU C 302 -21.80 -16.70 21.46
C LEU C 302 -21.25 -15.73 22.50
N GLU C 303 -20.22 -16.15 23.25
CA GLU C 303 -19.66 -15.28 24.27
C GLU C 303 -18.97 -14.07 23.64
N VAL C 304 -18.32 -14.27 22.49
CA VAL C 304 -17.68 -13.17 21.78
C VAL C 304 -18.71 -12.12 21.40
N LEU C 305 -19.83 -12.56 20.82
CA LEU C 305 -20.88 -11.63 20.39
C LEU C 305 -21.36 -10.79 21.56
N GLU C 306 -21.55 -11.39 22.73
CA GLU C 306 -22.07 -10.63 23.85
C GLU C 306 -21.00 -9.76 24.51
N GLU C 307 -19.82 -10.34 24.78
CA GLU C 307 -18.83 -9.60 25.56
C GLU C 307 -18.24 -8.43 24.79
N GLU C 308 -18.13 -8.54 23.47
CA GLU C 308 -17.61 -7.46 22.65
C GLU C 308 -18.71 -6.52 22.15
N ASN C 309 -19.95 -6.71 22.60
CA ASN C 309 -21.06 -5.80 22.30
C ASN C 309 -21.19 -5.54 20.80
N LEU C 310 -21.18 -6.62 20.03
CA LEU C 310 -21.12 -6.49 18.57
C LEU C 310 -22.44 -6.03 17.97
N ALA C 311 -23.56 -6.26 18.65
CA ALA C 311 -24.84 -5.79 18.12
C ALA C 311 -24.89 -4.27 18.08
N GLU C 312 -24.47 -3.61 19.17
CA GLU C 312 -24.49 -2.15 19.18
C GLU C 312 -23.51 -1.56 18.16
N ASN C 313 -22.35 -2.20 17.99
CA ASN C 313 -21.42 -1.78 16.94
C ASN C 313 -22.06 -1.91 15.57
N ALA C 314 -22.69 -3.05 15.31
CA ALA C 314 -23.36 -3.27 14.03
C ALA C 314 -24.47 -2.24 13.81
N ASP C 315 -25.17 -1.87 14.88
CA ASP C 315 -26.23 -0.85 14.78
C ASP C 315 -25.64 0.50 14.40
N LYS C 316 -24.71 0.98 15.22
CA LYS C 316 -24.10 2.29 14.98
C LYS C 316 -23.43 2.37 13.62
N LEU C 317 -22.61 1.36 13.29
CA LEU C 317 -21.86 1.42 12.03
C LEU C 317 -22.75 1.20 10.83
N GLY C 318 -23.82 0.42 10.99
CA GLY C 318 -24.77 0.25 9.90
C GLY C 318 -25.44 1.56 9.51
N ILE C 319 -25.70 2.41 10.49
CA ILE C 319 -26.26 3.74 10.21
C ILE C 319 -25.30 4.54 9.36
N ILE C 320 -24.01 4.49 9.70
CA ILE C 320 -23.00 5.23 8.93
C ILE C 320 -22.91 4.67 7.51
N LEU C 321 -22.87 3.35 7.39
CA LEU C 321 -22.70 2.72 6.08
C LEU C 321 -23.82 3.11 5.13
N ARG C 322 -25.08 2.96 5.57
CA ARG C 322 -26.20 3.26 4.69
C ARG C 322 -26.25 4.76 4.36
N ASN C 323 -25.94 5.62 5.34
CA ASN C 323 -25.96 7.05 5.07
C ASN C 323 -24.95 7.42 3.98
N GLU C 324 -23.76 6.84 4.03
CA GLU C 324 -22.76 7.13 3.01
C GLU C 324 -23.12 6.50 1.67
N LEU C 325 -23.67 5.28 1.69
CA LEU C 325 -24.06 4.63 0.44
C LEU C 325 -25.16 5.40 -0.28
N MET C 326 -26.05 6.05 0.46
CA MET C 326 -27.10 6.84 -0.17
C MET C 326 -26.57 8.09 -0.86
N LYS C 327 -25.31 8.45 -0.62
CA LYS C 327 -24.72 9.56 -1.35
C LYS C 327 -24.25 9.16 -2.74
N LEU C 328 -24.28 7.88 -3.08
CA LEU C 328 -23.85 7.44 -4.40
C LEU C 328 -24.84 7.92 -5.45
N PRO C 329 -24.38 8.14 -6.68
CA PRO C 329 -25.26 8.74 -7.69
C PRO C 329 -26.40 7.80 -8.06
N SER C 330 -27.58 8.38 -8.26
CA SER C 330 -28.78 7.58 -8.53
C SER C 330 -28.70 6.89 -9.88
N ASP C 331 -27.94 7.47 -10.82
CA ASP C 331 -27.77 6.86 -12.14
C ASP C 331 -27.09 5.50 -12.05
N VAL C 332 -26.33 5.24 -10.99
CA VAL C 332 -25.62 3.99 -10.83
C VAL C 332 -26.25 3.11 -9.74
N VAL C 333 -26.58 3.69 -8.60
CA VAL C 333 -27.08 2.94 -7.44
C VAL C 333 -28.54 3.31 -7.25
N THR C 334 -29.42 2.33 -7.48
CA THR C 334 -30.86 2.56 -7.50
C THR C 334 -31.53 2.43 -6.15
N ALA C 335 -30.87 1.78 -5.19
CA ALA C 335 -31.48 1.51 -3.90
C ALA C 335 -30.39 1.15 -2.90
N VAL C 336 -30.62 1.53 -1.65
CA VAL C 336 -29.79 1.13 -0.52
C VAL C 336 -30.75 0.61 0.55
N ARG C 337 -30.41 -0.53 1.15
CA ARG C 337 -31.31 -1.09 2.15
C ARG C 337 -30.52 -1.97 3.11
N GLY C 338 -31.17 -2.28 4.24
CA GLY C 338 -30.56 -3.10 5.27
C GLY C 338 -30.83 -2.63 6.69
N LYS C 339 -30.46 -3.47 7.66
CA LYS C 339 -30.43 -3.11 9.07
C LYS C 339 -29.09 -3.57 9.64
N GLY C 340 -28.57 -2.80 10.59
CA GLY C 340 -27.27 -3.15 11.16
C GLY C 340 -26.23 -3.23 10.06
N LEU C 341 -25.41 -4.28 10.11
CA LEU C 341 -24.38 -4.50 9.09
C LEU C 341 -24.80 -5.54 8.06
N LEU C 342 -26.10 -5.76 7.88
CA LEU C 342 -26.63 -6.56 6.77
C LEU C 342 -27.25 -5.56 5.80
N ASN C 343 -26.52 -5.22 4.74
CA ASN C 343 -26.93 -4.19 3.80
C ASN C 343 -26.73 -4.66 2.37
N ALA C 344 -27.35 -3.93 1.44
CA ALA C 344 -27.19 -4.22 0.02
C ALA C 344 -27.46 -2.96 -0.78
N ILE C 345 -26.82 -2.87 -1.95
CA ILE C 345 -27.13 -1.85 -2.95
C ILE C 345 -27.58 -2.55 -4.22
N VAL C 346 -28.37 -1.82 -5.02
CA VAL C 346 -28.90 -2.33 -6.28
C VAL C 346 -28.29 -1.53 -7.41
N ILE C 347 -27.71 -2.24 -8.38
CA ILE C 347 -26.94 -1.64 -9.47
C ILE C 347 -27.81 -1.61 -10.73
N LYS C 348 -28.03 -0.42 -11.28
CA LYS C 348 -28.77 -0.28 -12.52
C LYS C 348 -28.03 -0.96 -13.67
N GLU C 349 -28.34 -2.23 -13.93
CA GLU C 349 -27.62 -2.96 -14.97
C GLU C 349 -27.93 -2.36 -16.35
N THR C 350 -26.87 -2.11 -17.11
CA THR C 350 -26.98 -1.68 -18.49
C THR C 350 -26.81 -2.89 -19.39
N LYS C 351 -26.70 -2.65 -20.70
CA LYS C 351 -26.23 -3.71 -21.59
C LYS C 351 -24.81 -4.10 -21.27
N ASP C 352 -24.02 -3.18 -20.72
CA ASP C 352 -22.61 -3.38 -20.47
C ASP C 352 -22.34 -3.59 -18.97
N TRP C 353 -22.51 -2.55 -18.17
CA TRP C 353 -22.00 -2.52 -16.80
C TRP C 353 -23.05 -3.06 -15.83
N ASP C 354 -22.63 -3.95 -14.93
CA ASP C 354 -23.57 -4.64 -14.06
C ASP C 354 -22.92 -4.88 -12.70
N ALA C 355 -23.59 -5.64 -11.84
CA ALA C 355 -23.10 -5.88 -10.49
C ALA C 355 -21.89 -6.80 -10.47
N TRP C 356 -21.82 -7.75 -11.41
CA TRP C 356 -20.64 -8.63 -11.47
C TRP C 356 -19.38 -7.82 -11.77
N LYS C 357 -19.47 -6.92 -12.76
CA LYS C 357 -18.32 -6.08 -13.09
C LYS C 357 -17.95 -5.16 -11.93
N VAL C 358 -18.96 -4.62 -11.23
CA VAL C 358 -18.68 -3.80 -10.05
C VAL C 358 -17.89 -4.61 -9.04
N CYS C 359 -18.28 -5.88 -8.83
CA CYS C 359 -17.64 -6.69 -7.81
C CYS C 359 -16.23 -7.11 -8.24
N LEU C 360 -16.00 -7.28 -9.55
CA LEU C 360 -14.65 -7.53 -10.03
C LEU C 360 -13.75 -6.32 -9.76
N ARG C 361 -14.28 -5.12 -9.94
CA ARG C 361 -13.47 -3.91 -9.71
C ARG C 361 -13.33 -3.59 -8.23
N LEU C 362 -14.37 -3.87 -7.43
CA LEU C 362 -14.20 -3.81 -5.98
C LEU C 362 -13.06 -4.72 -5.54
N ARG C 363 -13.04 -5.95 -6.07
CA ARG C 363 -11.95 -6.88 -5.78
C ARG C 363 -10.60 -6.29 -6.18
N ASP C 364 -10.53 -5.70 -7.38
CA ASP C 364 -9.30 -5.04 -7.81
C ASP C 364 -8.86 -3.97 -6.83
N ASN C 365 -9.80 -3.25 -6.22
CA ASN C 365 -9.50 -2.15 -5.32
C ASN C 365 -9.46 -2.57 -3.85
N GLY C 366 -9.49 -3.86 -3.55
CA GLY C 366 -9.24 -4.33 -2.20
C GLY C 366 -10.45 -4.61 -1.34
N LEU C 367 -11.63 -4.81 -1.93
CA LEU C 367 -12.83 -5.14 -1.17
C LEU C 367 -13.58 -6.27 -1.85
N LEU C 368 -14.02 -7.25 -1.07
CA LEU C 368 -14.63 -8.46 -1.60
C LEU C 368 -16.13 -8.48 -1.31
N ALA C 369 -16.93 -8.55 -2.36
CA ALA C 369 -18.37 -8.73 -2.27
C ALA C 369 -18.82 -9.49 -3.51
N LYS C 370 -20.09 -9.84 -3.57
CA LYS C 370 -20.55 -10.54 -4.76
C LYS C 370 -22.04 -10.31 -4.97
N PRO C 371 -22.50 -10.25 -6.21
CA PRO C 371 -23.93 -10.06 -6.47
C PRO C 371 -24.75 -11.29 -6.14
N THR C 372 -26.02 -11.04 -5.83
CA THR C 372 -27.03 -12.08 -5.76
C THR C 372 -28.19 -11.67 -6.65
N HIS C 373 -28.78 -12.65 -7.34
CA HIS C 373 -29.89 -12.41 -8.25
C HIS C 373 -29.57 -11.32 -9.28
N GLY C 374 -28.32 -11.30 -9.73
CA GLY C 374 -27.95 -10.42 -10.82
C GLY C 374 -27.43 -9.04 -10.44
N ASP C 375 -28.29 -8.19 -9.90
CA ASP C 375 -28.00 -6.76 -9.78
C ASP C 375 -27.86 -6.27 -8.34
N ILE C 376 -27.86 -7.15 -7.36
CA ILE C 376 -27.87 -6.76 -5.95
C ILE C 376 -26.52 -7.12 -5.33
N ILE C 377 -25.80 -6.13 -4.83
CA ILE C 377 -24.53 -6.34 -4.16
C ILE C 377 -24.74 -6.23 -2.65
N ARG C 378 -24.45 -7.31 -1.93
CA ARG C 378 -24.56 -7.30 -0.48
C ARG C 378 -23.28 -6.72 0.14
N PHE C 379 -23.46 -5.88 1.17
CA PHE C 379 -22.36 -5.35 1.95
C PHE C 379 -22.56 -5.79 3.39
N ALA C 380 -21.70 -6.70 3.86
CA ALA C 380 -21.87 -7.33 5.17
C ALA C 380 -20.51 -7.67 5.74
N PRO C 381 -19.81 -6.68 6.31
CA PRO C 381 -18.49 -6.94 6.89
C PRO C 381 -18.62 -7.53 8.29
N PRO C 382 -17.57 -8.15 8.82
CA PRO C 382 -17.65 -8.71 10.17
C PRO C 382 -17.96 -7.61 11.18
N LEU C 383 -18.70 -7.98 12.22
CA LEU C 383 -19.19 -7.00 13.18
C LEU C 383 -18.07 -6.42 14.05
N VAL C 384 -16.85 -6.96 13.97
CA VAL C 384 -15.71 -6.40 14.71
C VAL C 384 -15.04 -5.24 13.99
N ILE C 385 -15.53 -4.87 12.80
CA ILE C 385 -14.95 -3.73 12.09
C ILE C 385 -15.11 -2.46 12.90
N LYS C 386 -14.09 -1.62 12.86
CA LYS C 386 -14.11 -0.32 13.54
C LYS C 386 -14.58 0.77 12.59
N GLU C 387 -14.91 1.93 13.15
CA GLU C 387 -15.45 3.01 12.32
C GLU C 387 -14.43 3.49 11.30
N ASP C 388 -13.16 3.58 11.71
CA ASP C 388 -12.12 4.02 10.78
C ASP C 388 -11.96 3.01 9.64
N GLU C 389 -11.95 1.72 9.96
CA GLU C 389 -11.85 0.71 8.92
C GLU C 389 -13.07 0.72 8.00
N LEU C 390 -14.25 1.00 8.57
CA LEU C 390 -15.46 1.06 7.75
C LEU C 390 -15.40 2.21 6.76
N ARG C 391 -14.95 3.38 7.22
CA ARG C 391 -14.88 4.53 6.32
C ARG C 391 -13.83 4.33 5.24
N GLU C 392 -12.73 3.65 5.57
CA GLU C 392 -11.77 3.29 4.52
C GLU C 392 -12.42 2.39 3.49
N SER C 393 -13.27 1.46 3.92
CA SER C 393 -13.97 0.58 2.99
C SER C 393 -14.98 1.35 2.15
N ILE C 394 -15.67 2.30 2.76
CA ILE C 394 -16.64 3.11 2.02
C ILE C 394 -15.94 3.88 0.91
N GLU C 395 -14.72 4.34 1.14
CA GLU C 395 -14.03 5.08 0.08
C GLU C 395 -13.65 4.15 -1.06
N ILE C 396 -13.32 2.89 -0.75
CA ILE C 396 -13.11 1.92 -1.82
C ILE C 396 -14.39 1.76 -2.64
N ILE C 397 -15.53 1.62 -1.96
CA ILE C 397 -16.81 1.51 -2.64
C ILE C 397 -17.06 2.73 -3.51
N ASN C 398 -16.84 3.94 -2.95
CA ASN C 398 -17.07 5.16 -3.70
C ASN C 398 -16.18 5.24 -4.93
N LYS C 399 -14.88 5.02 -4.75
CA LYS C 399 -13.94 5.07 -5.87
C LYS C 399 -14.34 4.09 -6.96
N THR C 400 -14.73 2.87 -6.57
CA THR C 400 -15.12 1.86 -7.55
C THR C 400 -16.37 2.29 -8.29
N ILE C 401 -17.42 2.67 -7.55
CA ILE C 401 -18.69 3.06 -8.17
C ILE C 401 -18.48 4.24 -9.11
N LEU C 402 -17.74 5.25 -8.67
CA LEU C 402 -17.55 6.46 -9.45
C LEU C 402 -16.49 6.31 -10.54
N SER C 403 -15.94 5.12 -10.72
CA SER C 403 -14.96 4.89 -11.78
C SER C 403 -15.61 4.40 -13.08
N PHE C 404 -16.89 4.07 -13.05
CA PHE C 404 -17.58 3.59 -14.25
C PHE C 404 -18.14 4.74 -15.06
N1 PLP D . 3.91 22.90 -30.79
C2 PLP D . 4.54 22.20 -29.77
C2A PLP D . 4.70 22.84 -28.42
C3 PLP D . 5.03 20.93 -30.01
O3 PLP D . 5.67 20.27 -28.99
C4 PLP D . 4.89 20.34 -31.26
C4A PLP D . 5.42 18.95 -31.50
C5 PLP D . 4.25 21.05 -32.28
C6 PLP D . 3.76 22.33 -32.04
C5A PLP D . 4.08 20.45 -33.66
O4P PLP D . 3.21 19.33 -33.61
P PLP D . 3.22 18.31 -34.84
O1P PLP D . 1.95 17.47 -34.76
O2P PLP D . 4.45 17.44 -34.67
O3P PLP D . 3.32 19.04 -36.15
C1 QRM E . 8.43 15.04 -33.36
C2 QRM E . 7.50 15.36 -32.21
C3 QRM E . 6.95 14.34 -31.44
C4 QRM E . 6.10 14.63 -30.38
C5 QRM E . 5.78 15.96 -30.08
C6 QRM E . 6.34 16.98 -30.86
C7 QRM E . 7.19 16.68 -31.91
N10 QRM E . 6.03 18.41 -30.57
O1 QRM E . 8.87 13.87 -33.48
O9 QRM E . 8.72 15.96 -34.18
N1 PLP F . 29.32 -4.48 22.27
C2 PLP F . 28.11 -4.92 21.82
C2A PLP F . 26.92 -4.91 22.75
C3 PLP F . 27.99 -5.40 20.52
O3 PLP F . 26.76 -5.85 20.10
C4 PLP F . 29.09 -5.41 19.67
C4A PLP F . 28.96 -5.90 18.25
C5 PLP F . 30.33 -4.95 20.14
C6 PLP F . 30.42 -4.49 21.44
C5A PLP F . 31.55 -4.95 19.27
O4P PLP F . 31.41 -4.04 18.19
P PLP F . 32.38 -4.19 16.92
O1P PLP F . 32.32 -2.87 16.18
O2P PLP F . 31.84 -5.34 16.10
O3P PLP F . 33.78 -4.53 17.36
C1 QRM G . 29.40 -8.90 13.91
C2 QRM G . 28.52 -7.85 14.52
C3 QRM G . 27.66 -7.11 13.71
C4 QRM G . 26.85 -6.12 14.26
C5 QRM G . 26.89 -5.85 15.63
C6 QRM G . 27.76 -6.59 16.43
C7 QRM G . 28.56 -7.58 15.87
N10 QRM G . 27.84 -6.34 17.89
O1 QRM G . 29.11 -9.35 12.79
O9 QRM G . 30.43 -9.29 14.53
N1 PLP H . -31.59 -20.26 6.20
C2 PLP H . -31.06 -19.10 5.70
C2A PLP H . -31.76 -17.79 5.96
C3 PLP H . -29.90 -19.13 4.95
O3 PLP H . -29.39 -17.96 4.44
C4 PLP H . -29.25 -20.34 4.70
C4A PLP H . -27.94 -20.38 3.96
C5 PLP H . -29.80 -21.52 5.22
C6 PLP H . -30.96 -21.47 5.98
C5A PLP H . -29.11 -22.85 4.97
O4P PLP H . -27.89 -22.91 5.67
P PLP H . -26.83 -24.04 5.25
O1P PLP H . -25.83 -24.19 6.38
O2P PLP H . -26.17 -23.58 3.97
O3P PLP H . -27.55 -25.35 5.00
C1 QRM I . -24.45 -21.32 0.08
C2 QRM I . -24.67 -20.43 1.27
C3 QRM I . -23.61 -19.73 1.84
C4 QRM I . -23.81 -18.91 2.95
C5 QRM I . -25.08 -18.77 3.51
C6 QRM I . -26.14 -19.48 2.93
C7 QRM I . -25.94 -20.30 1.82
N10 QRM I . -27.51 -19.35 3.51
O1 QRM I . -23.37 -21.24 -0.55
O9 QRM I . -25.35 -22.16 -0.23
#